data_4ZOZ
#
_entry.id   4ZOZ
#
_cell.length_a   47.497
_cell.length_b   67.178
_cell.length_c   72.815
_cell.angle_alpha   89.92
_cell.angle_beta   108.92
_cell.angle_gamma   92.03
#
_symmetry.space_group_name_H-M   'P 1'
#
loop_
_entity.id
_entity.type
_entity.pdbx_description
1 polymer Sqt1
2 polymer '60S ribosomal protein L10-like protein'
3 water water
#
loop_
_entity_poly.entity_id
_entity_poly.type
_entity_poly.pdbx_seq_one_letter_code
_entity_poly.pdbx_strand_id
1 'polypeptide(L)'
;ENDSIAYFDGHKDSVFAIAQHPLYPNIVATGGSEGDADDAPGKGYVLDISAAAGRPVLPPSYNSDPSSAPQQNTSLNPIF
EIDGHTDSINALTFTLPRGDFLVSGGMDGRMRVYAVSVPQNGALAQFKFLAESQETEEINWFAPCPSPDHPNTIALGASD
GSVWVFTLDASDPSNPVQIVQSYFLHTGPCTAGAWSPDGLLLATVSEDESLHVYDVFGVAASKSLVTDNGQTVVSLTNVD
QRFAVEGGLFSVAVSPTGAVVAVGGAGGQIKIVGLPRLSQPQQPQSQSQSRTGKAPAGRAGRPSQQQQTTSHQAGTILAS
LQIQSDNIESLAFSPSAPILAAGSTDGSIAVFDTSRSFALRRHLRGAHAEDPVVKVEFVKSPPNAAMAGWLLTSCGMDGV
VRRWDLRGGTAGPGTLPHMQHLQQQRQQQQEGAAPSGLVKEWKGHRSGQEGGGVLGFVQGETGERIVTVGDDAVVLVFEA
;
A,B
2 'polypeptide(L)' MARRPARCYRYCKNKPYPKSGSHHHHHH Y,C
#
# COMPACT_ATOMS: atom_id res chain seq x y z
N GLU A 1 44.14 -19.29 12.23
CA GLU A 1 43.80 -19.21 10.81
C GLU A 1 42.80 -18.10 10.55
N ASN A 2 43.01 -17.38 9.46
CA ASN A 2 42.15 -16.27 9.08
C ASN A 2 41.83 -16.43 7.60
N ASP A 3 40.59 -16.77 7.29
CA ASP A 3 40.19 -17.00 5.90
C ASP A 3 39.54 -15.76 5.26
N SER A 4 39.53 -14.65 5.98
CA SER A 4 38.83 -13.48 5.47
C SER A 4 39.59 -12.82 4.33
N ILE A 5 38.84 -12.19 3.43
CA ILE A 5 39.45 -11.46 2.31
C ILE A 5 39.42 -9.96 2.58
N ALA A 6 38.66 -9.56 3.59
CA ALA A 6 38.64 -8.18 4.04
C ALA A 6 38.09 -8.11 5.46
N TYR A 7 38.31 -6.98 6.12
CA TYR A 7 37.87 -6.83 7.50
C TYR A 7 37.58 -5.37 7.83
N PHE A 8 36.80 -5.18 8.89
CA PHE A 8 36.53 -3.86 9.41
C PHE A 8 36.62 -3.90 10.92
N ASP A 9 37.54 -3.12 11.51
CA ASP A 9 37.74 -3.14 12.95
C ASP A 9 37.34 -1.82 13.63
N GLY A 10 36.51 -1.04 12.96
CA GLY A 10 36.08 0.26 13.47
C GLY A 10 35.26 0.22 14.74
N HIS A 11 34.49 -0.84 14.95
CA HIS A 11 33.70 -0.95 16.17
C HIS A 11 34.62 -1.09 17.37
N LYS A 12 34.31 -0.37 18.45
CA LYS A 12 35.16 -0.41 19.64
C LYS A 12 34.82 -1.59 20.52
N ASP A 13 33.62 -2.15 20.35
CA ASP A 13 33.19 -3.32 21.11
C ASP A 13 32.28 -4.21 20.26
N SER A 14 31.67 -5.20 20.91
CA SER A 14 30.88 -6.23 20.25
C SER A 14 29.92 -5.69 19.19
N VAL A 15 29.85 -6.42 18.06
CA VAL A 15 28.95 -6.05 16.98
C VAL A 15 27.76 -7.02 16.96
N PHE A 16 26.56 -6.46 17.10
CA PHE A 16 25.36 -7.26 17.36
C PHE A 16 24.44 -7.37 16.16
N ALA A 17 24.56 -6.42 15.23
CA ALA A 17 23.56 -6.26 14.17
C ALA A 17 24.20 -6.10 12.79
N ILE A 18 23.55 -6.69 11.79
CA ILE A 18 24.03 -6.54 10.44
C ILE A 18 22.85 -6.58 9.46
N ALA A 19 22.93 -5.73 8.45
CA ALA A 19 21.92 -5.69 7.39
C ALA A 19 22.59 -5.48 6.05
N GLN A 20 21.91 -5.89 5.00
CA GLN A 20 22.47 -5.87 3.67
C GLN A 20 21.47 -5.27 2.69
N HIS A 21 21.93 -4.44 1.77
CA HIS A 21 21.04 -3.86 0.75
C HIS A 21 20.49 -4.97 -0.14
N PRO A 22 19.15 -5.00 -0.36
CA PRO A 22 18.55 -6.11 -1.13
C PRO A 22 18.92 -6.13 -2.62
N LEU A 23 19.32 -4.98 -3.17
CA LEU A 23 19.73 -4.91 -4.57
C LEU A 23 21.25 -4.95 -4.74
N TYR A 24 21.95 -4.35 -3.79
CA TYR A 24 23.41 -4.23 -3.87
C TYR A 24 24.05 -4.91 -2.67
N PRO A 25 24.37 -6.20 -2.80
CA PRO A 25 24.86 -6.99 -1.66
C PRO A 25 26.18 -6.47 -1.09
N ASN A 26 26.88 -5.62 -1.84
CA ASN A 26 28.14 -5.06 -1.36
C ASN A 26 27.95 -3.98 -0.30
N ILE A 27 26.73 -3.46 -0.20
CA ILE A 27 26.42 -2.42 0.76
C ILE A 27 25.88 -3.09 2.02
N VAL A 28 26.62 -2.96 3.11
CA VAL A 28 26.28 -3.64 4.36
C VAL A 28 26.35 -2.67 5.53
N ALA A 29 25.41 -2.73 6.46
CA ALA A 29 25.47 -1.92 7.67
C ALA A 29 25.70 -2.82 8.89
N THR A 30 26.50 -2.35 9.84
CA THR A 30 26.81 -3.15 11.03
C THR A 30 26.57 -2.26 12.24
N GLY A 31 26.25 -2.84 13.38
CA GLY A 31 25.91 -2.04 14.54
C GLY A 31 26.21 -2.76 15.83
N GLY A 32 26.61 -2.01 16.84
CA GLY A 32 26.86 -2.63 18.12
C GLY A 32 27.19 -1.65 19.22
N SER A 33 28.07 -2.10 20.11
CA SER A 33 28.40 -1.40 21.34
C SER A 33 29.77 -0.74 21.21
N GLU A 34 29.92 0.44 21.80
CA GLU A 34 31.22 1.11 21.83
C GLU A 34 31.99 0.83 23.11
N GLY A 35 31.39 0.04 24.02
CA GLY A 35 32.05 -0.30 25.27
C GLY A 35 31.07 -0.66 26.36
N ASP A 36 31.55 -1.33 27.41
CA ASP A 36 30.67 -1.80 28.48
C ASP A 36 30.42 -0.74 29.57
N ALA A 37 31.13 0.39 29.51
CA ALA A 37 30.88 1.49 30.43
C ALA A 37 29.55 2.17 30.10
N ASP A 38 28.85 2.67 31.12
CA ASP A 38 27.55 3.30 30.91
C ASP A 38 27.63 4.51 29.99
N ASP A 39 28.76 5.20 30.00
CA ASP A 39 28.95 6.36 29.15
C ASP A 39 29.36 5.97 27.72
N ALA A 40 29.48 4.68 27.46
CA ALA A 40 29.76 4.20 26.11
C ALA A 40 28.45 4.02 25.36
N PRO A 41 28.33 4.68 24.20
CA PRO A 41 27.10 4.64 23.39
C PRO A 41 27.09 3.45 22.44
N GLY A 42 26.10 3.44 21.55
CA GLY A 42 26.06 2.46 20.48
C GLY A 42 26.62 3.11 19.24
N LYS A 43 27.01 2.29 18.26
CA LYS A 43 27.57 2.83 17.04
C LYS A 43 27.30 1.91 15.87
N GLY A 44 27.00 2.50 14.72
CA GLY A 44 26.82 1.73 13.49
C GLY A 44 27.67 2.26 12.35
N TYR A 45 27.93 1.42 11.37
CA TYR A 45 28.66 1.85 10.19
C TYR A 45 28.02 1.27 8.94
N VAL A 46 28.20 1.95 7.82
CA VAL A 46 27.88 1.34 6.54
C VAL A 46 29.17 1.11 5.78
N LEU A 47 29.29 -0.07 5.19
CA LEU A 47 30.47 -0.52 4.47
C LEU A 47 30.12 -0.82 3.03
N ASP A 48 31.09 -0.64 2.16
CA ASP A 48 31.00 -1.08 0.77
C ASP A 48 32.13 -2.10 0.59
N ILE A 49 31.79 -3.37 0.47
CA ILE A 49 32.83 -4.40 0.44
C ILE A 49 33.35 -4.72 -0.97
N SER A 50 32.89 -3.97 -1.96
CA SER A 50 33.28 -4.23 -3.36
C SER A 50 34.73 -3.84 -3.62
N SER A 75 41.70 -3.60 4.73
CA SER A 75 40.96 -2.94 5.80
C SER A 75 39.91 -1.97 5.25
N LEU A 76 38.65 -2.26 5.52
CA LEU A 76 37.57 -1.48 4.94
C LEU A 76 37.37 -0.12 5.60
N ASN A 77 37.10 0.90 4.77
CA ASN A 77 36.76 2.22 5.26
C ASN A 77 35.26 2.45 5.13
N PRO A 78 34.60 2.87 6.21
CA PRO A 78 33.14 3.03 6.12
C PRO A 78 32.73 4.14 5.17
N ILE A 79 31.55 4.00 4.56
CA ILE A 79 31.04 5.05 3.69
C ILE A 79 29.97 5.87 4.41
N PHE A 80 29.64 5.46 5.64
CA PHE A 80 28.70 6.22 6.46
C PHE A 80 28.78 5.77 7.91
N GLU A 81 28.28 6.61 8.80
CA GLU A 81 28.37 6.38 10.22
C GLU A 81 27.03 6.64 10.91
N ILE A 82 26.61 5.71 11.77
CA ILE A 82 25.33 5.83 12.46
C ILE A 82 25.56 6.18 13.92
N ASP A 83 25.31 7.47 14.23
CA ASP A 83 25.44 8.00 15.59
C ASP A 83 24.08 8.38 16.14
N GLY A 84 24.00 8.65 17.44
CA GLY A 84 22.75 9.09 18.03
C GLY A 84 22.18 8.08 19.00
N HIS A 85 22.63 6.84 18.89
CA HIS A 85 22.22 5.83 19.85
C HIS A 85 23.05 5.91 21.12
N THR A 86 22.36 6.05 22.25
CA THR A 86 23.02 6.13 23.56
C THR A 86 23.25 4.75 24.16
N ASP A 87 22.74 3.73 23.48
CA ASP A 87 22.95 2.35 23.91
C ASP A 87 23.24 1.52 22.67
N SER A 88 23.56 0.25 22.84
CA SER A 88 24.02 -0.59 21.74
C SER A 88 23.01 -0.62 20.60
N ILE A 89 23.50 -0.59 19.36
CA ILE A 89 22.66 -0.86 18.21
C ILE A 89 22.43 -2.37 18.20
N ASN A 90 21.17 -2.76 18.18
CA ASN A 90 20.76 -4.15 18.34
C ASN A 90 20.14 -4.72 17.08
N ALA A 91 19.65 -3.84 16.22
CA ALA A 91 18.92 -4.24 15.02
C ALA A 91 19.15 -3.25 13.89
N LEU A 92 19.29 -3.77 12.68
CA LEU A 92 19.46 -2.96 11.46
C LEU A 92 18.68 -3.60 10.34
N THR A 93 18.08 -2.79 9.47
CA THR A 93 17.54 -3.37 8.24
C THR A 93 17.49 -2.34 7.12
N PHE A 94 17.77 -2.79 5.89
CA PHE A 94 17.37 -2.02 4.71
C PHE A 94 15.93 -2.42 4.39
N THR A 95 15.18 -1.51 3.77
CA THR A 95 13.79 -1.88 3.45
C THR A 95 13.73 -2.67 2.17
N LEU A 96 12.66 -3.45 2.03
CA LEU A 96 12.28 -4.09 0.77
C LEU A 96 11.28 -3.17 0.09
N PRO A 97 11.19 -3.22 -1.25
CA PRO A 97 11.92 -4.11 -2.16
C PRO A 97 13.29 -3.60 -2.63
N ARG A 98 13.55 -2.32 -2.45
CA ARG A 98 14.70 -1.71 -3.11
C ARG A 98 15.70 -1.01 -2.20
N GLY A 99 15.55 -1.17 -0.89
CA GLY A 99 16.48 -0.53 0.04
C GLY A 99 16.43 0.99 0.05
N ASP A 100 15.24 1.56 -0.09
CA ASP A 100 15.07 3.02 -0.08
C ASP A 100 15.42 3.63 1.28
N PHE A 101 15.33 2.82 2.32
CA PHE A 101 15.67 3.25 3.67
C PHE A 101 16.57 2.28 4.40
N LEU A 102 17.34 2.83 5.33
CA LEU A 102 18.12 2.07 6.28
C LEU A 102 17.64 2.47 7.65
N VAL A 103 17.34 1.48 8.49
CA VAL A 103 16.79 1.77 9.80
C VAL A 103 17.63 1.11 10.89
N SER A 104 17.98 1.88 11.92
CA SER A 104 18.68 1.30 13.06
C SER A 104 17.77 1.30 14.28
N GLY A 105 17.95 0.28 15.12
CA GLY A 105 17.20 0.15 16.35
C GLY A 105 18.12 -0.20 17.50
N GLY A 106 18.00 0.54 18.59
CA GLY A 106 18.92 0.37 19.69
C GLY A 106 18.33 -0.21 20.94
N MET A 107 19.21 -0.61 21.84
CA MET A 107 18.82 -1.04 23.17
C MET A 107 18.37 0.18 23.99
N ASP A 108 18.45 1.36 23.37
CA ASP A 108 17.88 2.58 23.95
C ASP A 108 16.45 2.80 23.44
N GLY A 109 15.99 1.90 22.57
CA GLY A 109 14.64 2.00 22.03
C GLY A 109 14.50 2.98 20.88
N ARG A 110 15.59 3.68 20.55
CA ARG A 110 15.57 4.60 19.44
C ARG A 110 15.51 3.86 18.12
N MET A 111 14.63 4.32 17.24
CA MET A 111 14.57 3.88 15.86
C MET A 111 14.96 5.06 14.97
N ARG A 112 16.08 4.95 14.27
CA ARG A 112 16.54 6.01 13.39
C ARG A 112 16.41 5.59 11.93
N VAL A 113 15.78 6.46 11.16
CA VAL A 113 15.43 6.22 9.77
C VAL A 113 16.23 7.14 8.84
N TYR A 114 16.97 6.49 7.93
CA TYR A 114 17.81 7.15 6.94
C TYR A 114 17.31 6.86 5.54
N ALA A 115 17.29 7.88 4.68
CA ALA A 115 17.02 7.64 3.28
C ALA A 115 18.29 7.21 2.58
N VAL A 116 18.16 6.32 1.59
CA VAL A 116 19.31 5.74 0.95
C VAL A 116 19.30 6.06 -0.55
N SER A 117 20.41 6.58 -1.07
CA SER A 117 20.52 6.75 -2.51
C SER A 117 21.74 5.99 -3.04
N VAL A 118 21.53 5.25 -4.12
CA VAL A 118 22.63 4.55 -4.77
C VAL A 118 22.75 5.04 -6.21
N PRO A 119 23.76 5.88 -6.46
CA PRO A 119 24.00 6.45 -7.80
C PRO A 119 24.21 5.37 -8.86
N GLN A 120 23.71 5.60 -10.07
CA GLN A 120 23.82 4.62 -11.15
C GLN A 120 25.28 4.29 -11.41
N ASN A 121 25.97 5.20 -12.08
CA ASN A 121 27.42 5.16 -12.19
C ASN A 121 28.02 6.52 -11.91
N GLY A 122 27.29 7.16 -11.01
CA GLY A 122 27.76 8.28 -10.22
C GLY A 122 28.85 7.92 -9.21
N ALA A 123 28.48 7.57 -7.96
CA ALA A 123 29.51 7.30 -6.94
C ALA A 123 29.06 6.39 -5.77
N LEU A 124 29.67 6.57 -4.60
CA LEU A 124 29.34 5.78 -3.42
C LEU A 124 27.92 6.05 -2.91
N ALA A 125 27.32 5.05 -2.27
CA ALA A 125 25.99 5.20 -1.72
C ALA A 125 25.95 6.33 -0.70
N GLN A 126 24.85 7.07 -0.68
CA GLN A 126 24.70 8.18 0.25
C GLN A 126 23.48 7.99 1.14
N PHE A 127 23.56 8.58 2.33
CA PHE A 127 22.58 8.35 3.36
C PHE A 127 22.19 9.66 4.00
N LYS A 128 20.92 9.81 4.32
CA LYS A 128 20.45 11.03 4.94
C LYS A 128 19.54 10.70 6.10
N PHE A 129 19.91 11.17 7.29
CA PHE A 129 19.06 11.00 8.45
C PHE A 129 17.75 11.74 8.24
N LEU A 130 16.65 11.01 8.40
CA LEU A 130 15.33 11.59 8.23
C LEU A 130 14.64 11.76 9.57
N ALA A 131 14.57 10.69 10.35
CA ALA A 131 13.77 10.80 11.57
C ALA A 131 14.19 9.83 12.67
N GLU A 132 13.88 10.19 13.91
CA GLU A 132 14.11 9.33 15.06
C GLU A 132 12.83 9.22 15.88
N SER A 133 12.51 8.02 16.33
CA SER A 133 11.40 7.86 17.26
C SER A 133 11.75 6.89 18.37
N GLN A 134 10.89 6.79 19.36
CA GLN A 134 11.19 5.96 20.52
C GLN A 134 9.91 5.33 21.05
N GLU A 135 9.32 4.44 20.26
CA GLU A 135 8.05 3.81 20.60
C GLU A 135 8.20 2.75 21.71
N THR A 136 9.42 2.28 21.93
CA THR A 136 9.71 1.27 22.93
C THR A 136 11.00 1.64 23.64
N GLU A 137 11.37 0.89 24.67
CA GLU A 137 12.60 1.19 25.41
C GLU A 137 13.79 0.39 24.89
N GLU A 138 13.52 -0.70 24.20
CA GLU A 138 14.57 -1.60 23.74
C GLU A 138 14.08 -2.44 22.57
N ILE A 139 14.71 -2.28 21.42
CA ILE A 139 14.37 -3.01 20.21
C ILE A 139 15.21 -4.29 20.11
N ASN A 140 14.55 -5.43 19.94
CA ASN A 140 15.22 -6.73 19.86
C ASN A 140 15.52 -7.19 18.43
N TRP A 141 14.67 -6.80 17.49
CA TRP A 141 14.81 -7.26 16.10
C TRP A 141 14.01 -6.40 15.13
N PHE A 142 14.44 -6.42 13.86
CA PHE A 142 13.67 -5.88 12.74
C PHE A 142 13.41 -6.99 11.73
N ALA A 143 12.32 -6.87 11.00
CA ALA A 143 12.09 -7.69 9.82
C ALA A 143 11.34 -6.88 8.78
N PRO A 144 11.91 -6.75 7.57
CA PRO A 144 11.22 -5.99 6.52
C PRO A 144 10.11 -6.82 5.91
N CYS A 145 8.98 -6.17 5.60
CA CYS A 145 7.83 -6.85 5.00
C CYS A 145 8.12 -7.19 3.55
N PRO A 146 7.95 -8.46 3.17
CA PRO A 146 8.21 -8.86 1.78
C PRO A 146 7.03 -8.61 0.84
N SER A 147 5.89 -8.11 1.32
CA SER A 147 4.74 -7.87 0.44
C SER A 147 5.07 -6.84 -0.61
N PRO A 148 4.91 -7.19 -1.89
CA PRO A 148 5.11 -6.22 -2.96
C PRO A 148 4.08 -5.10 -2.89
N ASP A 149 2.98 -5.39 -2.20
CA ASP A 149 1.88 -4.42 -2.12
C ASP A 149 2.15 -3.30 -1.13
N HIS A 150 3.14 -3.50 -0.26
CA HIS A 150 3.38 -2.58 0.85
C HIS A 150 4.85 -2.31 1.02
N PRO A 151 5.44 -1.62 0.04
CA PRO A 151 6.89 -1.35 0.07
C PRO A 151 7.29 -0.52 1.28
N ASN A 152 8.53 -0.68 1.71
CA ASN A 152 9.10 0.12 2.78
C ASN A 152 8.31 0.00 4.07
N THR A 153 7.83 -1.20 4.33
CA THR A 153 7.17 -1.52 5.57
C THR A 153 8.09 -2.42 6.39
N ILE A 154 8.22 -2.14 7.68
CA ILE A 154 9.10 -2.94 8.53
C ILE A 154 8.38 -3.27 9.83
N ALA A 155 8.77 -4.37 10.45
CA ALA A 155 8.28 -4.69 11.80
C ALA A 155 9.44 -4.75 12.78
N LEU A 156 9.13 -4.51 14.05
CA LEU A 156 10.10 -4.71 15.12
C LEU A 156 9.42 -5.38 16.29
N GLY A 157 10.22 -6.04 17.13
CA GLY A 157 9.73 -6.61 18.36
C GLY A 157 10.58 -6.04 19.47
N ALA A 158 9.99 -5.83 20.65
CA ALA A 158 10.69 -5.10 21.73
C ALA A 158 10.70 -5.86 23.04
N SER A 159 11.50 -5.37 24.00
CA SER A 159 11.64 -6.01 25.30
C SER A 159 10.35 -5.99 26.12
N ASP A 160 9.46 -5.03 25.83
CA ASP A 160 8.17 -4.95 26.54
C ASP A 160 7.13 -5.89 25.92
N GLY A 161 7.55 -6.69 24.94
CA GLY A 161 6.68 -7.66 24.30
C GLY A 161 5.94 -7.11 23.09
N SER A 162 5.98 -5.80 22.89
CA SER A 162 5.20 -5.19 21.83
C SER A 162 5.80 -5.47 20.46
N VAL A 163 4.94 -5.45 19.45
CA VAL A 163 5.37 -5.63 18.07
C VAL A 163 4.83 -4.46 17.27
N TRP A 164 5.71 -3.71 16.59
CA TRP A 164 5.23 -2.55 15.85
C TRP A 164 5.49 -2.75 14.38
N VAL A 165 4.55 -2.26 13.57
CA VAL A 165 4.73 -2.26 12.14
C VAL A 165 4.65 -0.81 11.64
N PHE A 166 5.67 -0.41 10.89
CA PHE A 166 5.80 0.96 10.39
C PHE A 166 5.89 0.98 8.89
N THR A 167 5.36 2.02 8.27
CA THR A 167 5.57 2.21 6.84
C THR A 167 6.35 3.53 6.66
N LEU A 168 7.35 3.49 5.79
CA LEU A 168 8.23 4.64 5.56
C LEU A 168 7.93 5.27 4.22
N ASP A 169 7.52 6.53 4.25
CA ASP A 169 7.15 7.27 3.06
C ASP A 169 7.98 8.54 3.06
N ALA A 170 8.98 8.59 2.18
CA ALA A 170 9.97 9.67 2.20
C ALA A 170 9.35 11.05 1.97
N SER A 171 8.21 11.06 1.29
CA SER A 171 7.45 12.29 1.11
C SER A 171 6.72 12.63 2.40
N ASP A 172 6.96 13.84 2.87
CA ASP A 172 6.58 14.38 4.18
C ASP A 172 7.59 13.92 5.25
N PRO A 173 8.82 14.46 5.21
CA PRO A 173 9.73 14.18 6.32
C PRO A 173 9.38 14.96 7.58
N SER A 174 8.18 15.55 7.64
CA SER A 174 7.66 16.05 8.90
C SER A 174 7.07 14.86 9.64
N ASN A 175 6.74 13.83 8.87
CA ASN A 175 6.31 12.55 9.40
C ASN A 175 6.53 11.44 8.38
N PRO A 176 7.80 11.06 8.14
CA PRO A 176 8.11 10.00 7.17
C PRO A 176 7.74 8.63 7.71
N VAL A 177 7.63 8.50 9.03
CA VAL A 177 7.23 7.23 9.63
C VAL A 177 5.74 7.22 9.97
N GLN A 178 5.03 6.23 9.47
CA GLN A 178 3.63 6.05 9.84
C GLN A 178 3.49 4.71 10.54
N ILE A 179 2.60 4.66 11.53
CA ILE A 179 2.37 3.44 12.29
C ILE A 179 1.24 2.64 11.65
N VAL A 180 1.56 1.44 11.19
CA VAL A 180 0.56 0.56 10.61
C VAL A 180 -0.09 -0.24 11.74
N GLN A 181 0.75 -0.77 12.64
CA GLN A 181 0.20 -1.52 13.79
C GLN A 181 1.04 -1.34 15.03
N SER A 182 0.41 -1.45 16.19
CA SER A 182 1.13 -1.54 17.46
C SER A 182 0.47 -2.59 18.33
N TYR A 183 1.07 -3.76 18.39
CA TYR A 183 0.48 -4.89 19.08
C TYR A 183 1.08 -5.08 20.46
N PHE A 184 0.21 -5.31 21.43
CA PHE A 184 0.64 -5.46 22.82
C PHE A 184 0.18 -6.80 23.40
N LEU A 185 0.32 -7.87 22.63
CA LEU A 185 -0.20 -9.18 23.03
C LEU A 185 0.79 -10.01 23.85
N HIS A 186 2.06 -10.06 23.43
CA HIS A 186 3.06 -10.70 24.27
C HIS A 186 3.18 -9.89 25.56
N THR A 187 3.54 -10.55 26.64
CA THR A 187 3.83 -9.82 27.87
C THR A 187 5.33 -9.73 28.07
N GLY A 188 6.00 -10.88 28.02
CA GLY A 188 7.45 -10.93 28.14
C GLY A 188 8.13 -10.46 26.88
N PRO A 189 9.46 -10.27 26.92
CA PRO A 189 10.24 -9.81 25.75
C PRO A 189 9.91 -10.57 24.47
N CYS A 190 9.74 -9.83 23.38
CA CYS A 190 9.49 -10.41 22.06
C CYS A 190 10.81 -10.75 21.43
N THR A 191 11.08 -12.04 21.27
CA THR A 191 12.41 -12.50 20.94
C THR A 191 12.71 -12.63 19.45
N ALA A 192 11.68 -12.82 18.64
CA ALA A 192 11.88 -12.99 17.20
C ALA A 192 10.58 -12.81 16.41
N GLY A 193 10.71 -12.53 15.12
CA GLY A 193 9.56 -12.32 14.26
C GLY A 193 9.90 -12.79 12.86
N ALA A 194 8.88 -13.22 12.14
CA ALA A 194 9.05 -13.64 10.75
C ALA A 194 7.75 -13.37 9.99
N TRP A 195 7.88 -12.74 8.83
CA TRP A 195 6.75 -12.58 7.92
C TRP A 195 6.43 -13.83 7.11
N SER A 196 5.17 -14.03 6.79
CA SER A 196 4.82 -15.01 5.76
C SER A 196 5.36 -14.50 4.42
N PRO A 197 5.61 -15.42 3.47
CA PRO A 197 6.17 -15.03 2.17
C PRO A 197 5.35 -13.97 1.42
N ASP A 198 4.03 -13.94 1.59
CA ASP A 198 3.24 -12.94 0.89
C ASP A 198 3.20 -11.64 1.67
N GLY A 199 3.86 -11.63 2.82
CA GLY A 199 3.92 -10.43 3.66
C GLY A 199 2.62 -9.98 4.32
N LEU A 200 1.59 -10.81 4.33
CA LEU A 200 0.33 -10.42 4.95
C LEU A 200 0.25 -10.83 6.42
N LEU A 201 1.03 -11.82 6.82
CA LEU A 201 1.02 -12.31 8.18
C LEU A 201 2.36 -12.08 8.86
N LEU A 202 2.32 -11.72 10.13
CA LEU A 202 3.58 -11.57 10.88
C LEU A 202 3.58 -12.45 12.13
N ALA A 203 4.47 -13.43 12.18
CA ALA A 203 4.53 -14.34 13.34
C ALA A 203 5.61 -13.91 14.30
N THR A 204 5.24 -13.72 15.57
CA THR A 204 6.22 -13.35 16.57
C THR A 204 6.12 -14.21 17.84
N VAL A 205 7.24 -14.33 18.53
CA VAL A 205 7.30 -15.21 19.70
C VAL A 205 7.96 -14.47 20.86
N SER A 206 7.77 -15.02 22.06
CA SER A 206 8.16 -14.30 23.26
C SER A 206 8.78 -15.21 24.30
N GLU A 207 9.56 -14.62 25.20
CA GLU A 207 10.10 -15.34 26.36
C GLU A 207 8.98 -15.93 27.21
N ASP A 208 7.79 -15.37 27.10
CA ASP A 208 6.68 -15.84 27.94
C ASP A 208 5.95 -17.03 27.31
N GLU A 209 6.57 -17.61 26.27
CA GLU A 209 6.10 -18.83 25.57
C GLU A 209 4.95 -18.62 24.57
N SER A 210 4.50 -17.38 24.38
CA SER A 210 3.38 -17.14 23.46
C SER A 210 3.82 -16.94 22.01
N LEU A 211 2.94 -17.36 21.10
CA LEU A 211 3.06 -17.12 19.67
C LEU A 211 1.85 -16.33 19.20
N HIS A 212 2.10 -15.23 18.50
CA HIS A 212 0.98 -14.52 17.86
C HIS A 212 1.28 -14.31 16.39
N VAL A 213 0.29 -14.55 15.53
CA VAL A 213 0.47 -14.32 14.10
C VAL A 213 -0.51 -13.25 13.68
N TYR A 214 -0.01 -12.04 13.47
CA TYR A 214 -0.84 -10.87 13.21
C TYR A 214 -1.29 -10.71 11.78
N ASP A 215 -2.55 -10.29 11.67
CA ASP A 215 -3.19 -9.94 10.43
C ASP A 215 -2.86 -8.48 10.11
N VAL A 216 -1.63 -8.26 9.65
CA VAL A 216 -1.07 -6.90 9.60
C VAL A 216 -1.86 -5.92 8.73
N PHE A 217 -2.38 -6.39 7.60
CA PHE A 217 -3.06 -5.45 6.69
C PHE A 217 -4.56 -5.72 6.62
N GLY A 218 -5.11 -6.44 7.60
CA GLY A 218 -6.55 -6.58 7.72
C GLY A 218 -7.22 -7.56 6.79
N VAL A 219 -6.43 -8.31 6.02
CA VAL A 219 -7.02 -9.17 4.99
C VAL A 219 -7.75 -10.35 5.63
N ALA A 220 -7.07 -10.98 6.59
CA ALA A 220 -7.65 -12.15 7.25
C ALA A 220 -8.95 -11.78 7.95
N ALA A 221 -9.00 -10.59 8.55
CA ALA A 221 -10.20 -10.16 9.28
C ALA A 221 -11.36 -10.04 8.30
N SER A 222 -11.07 -9.53 7.10
CA SER A 222 -12.11 -9.36 6.10
C SER A 222 -12.63 -10.70 5.60
N LYS A 223 -11.81 -11.75 5.76
CA LYS A 223 -12.25 -13.10 5.41
C LYS A 223 -12.71 -13.96 6.60
N SER A 224 -13.01 -13.31 7.73
CA SER A 224 -13.42 -13.99 8.97
C SER A 224 -12.46 -15.12 9.40
N LEU A 225 -11.18 -14.81 9.33
CA LEU A 225 -10.13 -15.77 9.70
C LEU A 225 -9.32 -15.29 10.90
N VAL A 226 -9.79 -14.26 11.62
CA VAL A 226 -9.07 -13.83 12.81
C VAL A 226 -9.69 -14.38 14.09
N THR A 227 -8.86 -14.48 15.13
CA THR A 227 -9.30 -14.92 16.43
C THR A 227 -10.16 -13.87 17.10
N ASP A 228 -10.60 -14.18 18.32
CA ASP A 228 -11.48 -13.29 19.08
C ASP A 228 -10.85 -11.95 19.45
N ASN A 229 -9.52 -11.85 19.42
CA ASN A 229 -8.92 -10.56 19.72
C ASN A 229 -8.93 -9.63 18.49
N GLY A 230 -9.40 -10.15 17.36
CA GLY A 230 -9.56 -9.36 16.15
C GLY A 230 -8.26 -9.04 15.43
N GLN A 231 -7.13 -9.43 16.00
CA GLN A 231 -5.82 -8.99 15.51
C GLN A 231 -4.96 -10.10 14.92
N THR A 232 -5.14 -11.32 15.42
CA THR A 232 -4.30 -12.44 14.98
C THR A 232 -5.09 -13.52 14.27
N VAL A 233 -4.39 -14.32 13.46
CA VAL A 233 -5.01 -15.53 12.90
C VAL A 233 -4.66 -16.76 13.76
N VAL A 234 -3.58 -16.63 14.54
CA VAL A 234 -3.14 -17.64 15.51
C VAL A 234 -2.69 -16.93 16.78
N SER A 235 -3.17 -17.40 17.94
CA SER A 235 -2.69 -16.93 19.24
C SER A 235 -2.59 -18.13 20.15
N LEU A 236 -1.37 -18.48 20.55
CA LEU A 236 -1.17 -19.63 21.42
C LEU A 236 -0.29 -19.20 22.60
N THR A 237 -0.63 -19.66 23.81
CA THR A 237 0.06 -19.17 25.01
C THR A 237 0.40 -20.31 25.96
N ASN A 238 0.92 -19.96 27.13
CA ASN A 238 1.34 -20.95 28.12
C ASN A 238 0.18 -21.82 28.62
N VAL A 239 -1.05 -21.31 28.49
CA VAL A 239 -2.22 -22.07 28.94
C VAL A 239 -2.56 -23.21 28.00
N ASP A 240 -1.98 -23.17 26.80
CA ASP A 240 -2.20 -24.20 25.80
C ASP A 240 -1.15 -25.31 26.01
N GLN A 241 -1.51 -26.36 26.74
CA GLN A 241 -0.55 -27.39 27.18
C GLN A 241 0.13 -28.13 26.03
N ARG A 242 -0.58 -28.28 24.92
CA ARG A 242 -0.04 -28.95 23.74
C ARG A 242 1.02 -28.09 23.04
N PHE A 243 1.05 -26.81 23.39
CA PHE A 243 1.92 -25.85 22.70
C PHE A 243 3.04 -25.33 23.58
N ALA A 244 2.74 -25.15 24.87
CA ALA A 244 3.65 -24.46 25.78
C ALA A 244 5.04 -25.07 25.82
N VAL A 245 6.04 -24.23 25.56
CA VAL A 245 7.45 -24.61 25.67
C VAL A 245 8.05 -23.98 26.92
N GLU A 246 8.19 -24.77 27.97
CA GLU A 246 8.65 -24.26 29.26
C GLU A 246 10.03 -23.62 29.15
N GLY A 247 10.13 -22.35 29.53
CA GLY A 247 11.39 -21.64 29.44
C GLY A 247 11.47 -20.61 28.33
N GLY A 248 10.46 -20.60 27.46
CA GLY A 248 10.35 -19.56 26.47
C GLY A 248 10.60 -19.95 25.02
N LEU A 249 10.22 -19.06 24.11
CA LEU A 249 10.45 -19.24 22.68
C LEU A 249 11.46 -18.19 22.23
N PHE A 250 12.35 -18.57 21.32
CA PHE A 250 13.44 -17.71 20.92
C PHE A 250 13.63 -17.58 19.42
N SER A 251 12.94 -18.41 18.64
CA SER A 251 13.08 -18.38 17.19
C SER A 251 11.77 -18.68 16.50
N VAL A 252 11.65 -18.20 15.27
CA VAL A 252 10.42 -18.40 14.50
C VAL A 252 10.75 -18.33 13.01
N ALA A 253 10.06 -19.14 12.22
CA ALA A 253 10.21 -19.10 10.77
C ALA A 253 8.90 -19.52 10.09
N VAL A 254 8.66 -19.00 8.89
CA VAL A 254 7.45 -19.34 8.15
C VAL A 254 7.80 -20.09 6.87
N SER A 255 7.04 -21.15 6.54
CA SER A 255 7.39 -21.99 5.39
C SER A 255 7.15 -21.23 4.07
N PRO A 256 7.84 -21.66 3.00
CA PRO A 256 7.79 -20.91 1.73
C PRO A 256 6.41 -20.82 1.07
N THR A 257 5.48 -21.73 1.38
CA THR A 257 4.11 -21.60 0.89
C THR A 257 3.23 -20.80 1.85
N GLY A 258 3.76 -20.49 3.02
CA GLY A 258 3.01 -19.79 4.04
C GLY A 258 2.03 -20.69 4.77
N ALA A 259 2.16 -22.01 4.60
CA ALA A 259 1.19 -22.94 5.16
C ALA A 259 1.41 -23.20 6.64
N VAL A 260 2.66 -23.10 7.10
CA VAL A 260 2.93 -23.35 8.52
C VAL A 260 3.97 -22.38 9.08
N VAL A 261 3.95 -22.23 10.40
CA VAL A 261 4.98 -21.51 11.09
C VAL A 261 5.69 -22.47 12.06
N ALA A 262 7.01 -22.34 12.16
CA ALA A 262 7.77 -23.12 13.14
C ALA A 262 8.24 -22.20 14.25
N VAL A 263 8.12 -22.62 15.51
CA VAL A 263 8.66 -21.82 16.60
C VAL A 263 9.64 -22.70 17.38
N GLY A 264 10.74 -22.11 17.84
CA GLY A 264 11.78 -22.89 18.51
C GLY A 264 12.03 -22.31 19.88
N GLY A 265 12.35 -23.16 20.86
CA GLY A 265 12.45 -22.66 22.21
C GLY A 265 13.35 -23.47 23.12
N ALA A 266 13.16 -23.27 24.41
CA ALA A 266 13.96 -23.92 25.44
C ALA A 266 13.86 -25.44 25.32
N GLY A 267 14.91 -26.13 25.77
CA GLY A 267 14.89 -27.57 25.81
C GLY A 267 15.00 -28.25 24.47
N GLY A 268 15.30 -27.47 23.42
CA GLY A 268 15.37 -28.03 22.09
C GLY A 268 14.00 -28.23 21.44
N GLN A 269 12.97 -27.67 22.05
CA GLN A 269 11.63 -27.90 21.53
C GLN A 269 11.29 -27.05 20.30
N ILE A 270 10.60 -27.67 19.35
CA ILE A 270 10.09 -26.95 18.17
C ILE A 270 8.62 -27.28 18.05
N LYS A 271 7.79 -26.29 17.77
CA LYS A 271 6.38 -26.57 17.47
C LYS A 271 6.08 -26.11 16.06
N ILE A 272 5.29 -26.91 15.35
CA ILE A 272 4.82 -26.56 14.01
C ILE A 272 3.32 -26.26 14.07
N VAL A 273 2.93 -25.07 13.61
CA VAL A 273 1.54 -24.61 13.76
C VAL A 273 0.98 -24.23 12.39
N GLY A 274 -0.25 -24.65 12.09
CA GLY A 274 -0.85 -24.31 10.80
C GLY A 274 -1.23 -22.84 10.66
N LEU A 275 -1.13 -22.32 9.45
CA LEU A 275 -1.56 -20.94 9.17
C LEU A 275 -2.63 -20.96 8.10
N PRO A 276 -3.54 -19.96 8.11
CA PRO A 276 -4.50 -19.86 7.00
C PRO A 276 -3.77 -19.36 5.73
N ARG A 277 -4.27 -19.71 4.54
CA ARG A 277 -3.50 -19.48 3.32
C ARG A 277 -3.51 -18.03 2.81
N LEU A 278 -4.67 -17.39 2.81
CA LEU A 278 -4.80 -15.99 2.37
C LEU A 278 -4.29 -15.80 0.94
N ALA A 314 -6.31 -23.69 11.07
CA ALA A 314 -5.23 -22.81 11.49
C ALA A 314 -5.09 -22.83 13.01
N GLY A 315 -3.85 -22.77 13.50
CA GLY A 315 -3.61 -22.71 14.93
C GLY A 315 -3.63 -24.08 15.59
N THR A 316 -3.61 -25.12 14.76
CA THR A 316 -3.48 -26.47 15.28
C THR A 316 -2.01 -26.83 15.26
N ILE A 317 -1.59 -27.64 16.23
CA ILE A 317 -0.22 -28.12 16.28
C ILE A 317 -0.09 -29.30 15.33
N LEU A 318 0.70 -29.13 14.29
CA LEU A 318 0.86 -30.15 13.26
C LEU A 318 1.98 -31.13 13.59
N ALA A 319 2.92 -30.67 14.40
CA ALA A 319 4.05 -31.51 14.82
C ALA A 319 4.76 -30.87 15.99
N SER A 320 5.41 -31.72 16.77
CA SER A 320 6.18 -31.26 17.91
C SER A 320 7.50 -32.01 17.85
N LEU A 321 8.60 -31.25 17.91
CA LEU A 321 9.94 -31.82 17.70
C LEU A 321 10.83 -31.57 18.90
N GLN A 322 11.65 -32.55 19.26
CA GLN A 322 12.60 -32.31 20.34
C GLN A 322 13.75 -33.31 20.22
N ILE A 323 14.57 -33.09 19.20
CA ILE A 323 15.74 -33.89 18.91
C ILE A 323 16.96 -33.34 19.66
N GLN A 324 17.07 -32.03 19.69
CA GLN A 324 18.19 -31.34 20.32
C GLN A 324 17.92 -31.11 21.79
N SER A 325 18.92 -30.62 22.52
CA SER A 325 18.84 -30.64 23.98
C SER A 325 18.81 -29.26 24.64
N ASP A 326 18.98 -28.19 23.88
CA ASP A 326 19.00 -26.86 24.47
C ASP A 326 18.35 -25.87 23.51
N ASN A 327 18.24 -24.60 23.91
CA ASN A 327 17.49 -23.57 23.15
C ASN A 327 17.64 -23.67 21.64
N ILE A 328 16.52 -23.61 20.93
CA ILE A 328 16.57 -23.49 19.48
C ILE A 328 16.68 -22.00 19.17
N GLU A 329 17.90 -21.57 18.87
CA GLU A 329 18.16 -20.14 18.68
C GLU A 329 17.94 -19.65 17.25
N SER A 330 17.80 -20.59 16.31
CA SER A 330 17.59 -20.20 14.92
C SER A 330 16.84 -21.28 14.14
N LEU A 331 15.87 -20.83 13.37
CA LEU A 331 15.09 -21.72 12.52
C LEU A 331 15.06 -21.18 11.11
N ALA A 332 15.16 -22.05 10.11
CA ALA A 332 15.05 -21.62 8.71
C ALA A 332 14.42 -22.70 7.85
N PHE A 333 13.36 -22.34 7.14
CA PHE A 333 12.84 -23.19 6.08
C PHE A 333 13.65 -22.98 4.80
N SER A 334 13.96 -24.06 4.12
CA SER A 334 14.55 -23.92 2.78
C SER A 334 13.55 -23.29 1.83
N PRO A 335 14.01 -22.36 0.98
CA PRO A 335 13.07 -21.73 0.05
C PRO A 335 12.55 -22.67 -1.04
N SER A 336 13.23 -23.78 -1.33
CA SER A 336 12.81 -24.61 -2.45
C SER A 336 12.90 -26.12 -2.19
N ALA A 337 13.55 -26.52 -1.11
CA ALA A 337 13.56 -27.94 -0.73
C ALA A 337 12.63 -28.16 0.47
N PRO A 338 12.05 -29.36 0.58
CA PRO A 338 11.07 -29.61 1.65
C PRO A 338 11.74 -29.91 2.99
N ILE A 339 12.54 -28.96 3.49
CA ILE A 339 13.28 -29.17 4.74
C ILE A 339 13.29 -27.93 5.64
N LEU A 340 13.40 -28.19 6.94
CA LEU A 340 13.51 -27.17 7.97
C LEU A 340 14.80 -27.41 8.75
N ALA A 341 15.60 -26.37 8.93
CA ALA A 341 16.84 -26.50 9.72
C ALA A 341 16.72 -25.73 11.03
N ALA A 342 17.28 -26.29 12.10
CA ALA A 342 17.17 -25.72 13.43
C ALA A 342 18.56 -25.71 14.07
N GLY A 343 18.98 -24.56 14.57
CA GLY A 343 20.26 -24.49 15.25
C GLY A 343 20.07 -24.36 16.75
N SER A 344 20.92 -25.03 17.52
CA SER A 344 20.70 -25.09 18.96
C SER A 344 21.90 -24.57 19.76
N THR A 345 21.61 -24.06 20.94
CA THR A 345 22.62 -23.72 21.94
C THR A 345 23.56 -24.90 22.26
N ASP A 346 23.11 -26.13 22.01
CA ASP A 346 23.97 -27.30 22.29
C ASP A 346 24.98 -27.56 21.17
N GLY A 347 25.06 -26.65 20.20
CA GLY A 347 26.04 -26.75 19.13
C GLY A 347 25.64 -27.57 17.93
N SER A 348 24.45 -28.16 17.95
CA SER A 348 24.01 -29.00 16.84
C SER A 348 23.05 -28.31 15.87
N ILE A 349 22.96 -28.86 14.67
CA ILE A 349 21.90 -28.46 13.72
C ILE A 349 21.03 -29.67 13.44
N ALA A 350 19.72 -29.52 13.43
CA ALA A 350 18.87 -30.66 13.04
C ALA A 350 18.06 -30.26 11.79
N VAL A 351 17.89 -31.22 10.89
CA VAL A 351 17.19 -31.03 9.63
C VAL A 351 16.01 -31.99 9.58
N PHE A 352 14.83 -31.41 9.35
CA PHE A 352 13.56 -32.14 9.33
C PHE A 352 12.88 -32.06 7.95
N ASP A 353 12.21 -33.14 7.58
CA ASP A 353 11.55 -33.24 6.27
C ASP A 353 10.12 -32.74 6.36
N THR A 354 9.86 -31.55 5.83
CA THR A 354 8.57 -30.91 6.02
C THR A 354 7.39 -31.61 5.30
N SER A 355 7.69 -32.48 4.34
CA SER A 355 6.62 -33.18 3.63
C SER A 355 6.37 -34.56 4.23
N ARG A 356 7.08 -34.85 5.32
CA ARG A 356 7.02 -36.18 5.92
C ARG A 356 6.82 -36.11 7.42
N SER A 357 5.87 -35.27 7.85
CA SER A 357 5.56 -35.06 9.26
C SER A 357 6.80 -34.64 10.05
N PHE A 358 7.71 -33.92 9.40
CA PHE A 358 8.90 -33.40 10.04
C PHE A 358 9.72 -34.54 10.66
N ALA A 359 9.73 -35.64 9.93
CA ALA A 359 10.66 -36.72 10.20
C ALA A 359 12.08 -36.16 10.23
N LEU A 360 12.92 -36.74 11.08
CA LEU A 360 14.31 -36.28 11.17
C LEU A 360 15.11 -36.74 9.96
N ARG A 361 15.69 -35.78 9.23
CA ARG A 361 16.51 -36.09 8.07
C ARG A 361 17.96 -36.26 8.51
N ARG A 362 18.41 -35.33 9.35
CA ARG A 362 19.79 -35.44 9.85
C ARG A 362 19.98 -34.65 11.13
N HIS A 363 20.84 -35.16 12.00
CA HIS A 363 21.19 -34.47 13.23
C HIS A 363 22.70 -34.26 13.20
N LEU A 364 23.10 -33.03 12.90
CA LEU A 364 24.49 -32.62 12.86
C LEU A 364 24.94 -32.19 14.24
N ARG A 365 25.32 -33.18 15.05
CA ARG A 365 25.90 -32.90 16.35
C ARG A 365 27.26 -32.26 16.19
N GLY A 366 27.57 -31.32 17.08
CA GLY A 366 28.85 -30.64 17.05
C GLY A 366 29.09 -29.83 15.78
N ALA A 367 28.02 -29.41 15.12
CA ALA A 367 28.12 -28.52 13.96
C ALA A 367 28.98 -27.32 14.28
N HIS A 368 28.85 -26.80 15.50
CA HIS A 368 29.76 -25.78 16.00
C HIS A 368 30.32 -26.22 17.36
N ALA A 369 30.90 -27.42 17.35
CA ALA A 369 31.36 -28.09 18.58
C ALA A 369 30.25 -28.10 19.62
N GLU A 370 30.56 -27.68 20.84
CA GLU A 370 29.53 -27.55 21.87
C GLU A 370 29.17 -26.08 22.13
N ASP A 371 29.49 -25.21 21.19
CA ASP A 371 29.20 -23.80 21.31
C ASP A 371 27.89 -23.50 20.60
N PRO A 372 27.13 -22.53 21.11
CA PRO A 372 25.82 -22.27 20.48
C PRO A 372 25.86 -21.95 19.00
N VAL A 373 24.92 -22.55 18.27
CA VAL A 373 24.63 -22.16 16.90
C VAL A 373 23.74 -20.93 16.94
N VAL A 374 24.26 -19.82 16.42
CA VAL A 374 23.59 -18.53 16.57
C VAL A 374 22.59 -18.30 15.44
N LYS A 375 22.98 -18.63 14.22
CA LYS A 375 22.14 -18.40 13.06
C LYS A 375 22.35 -19.47 12.01
N VAL A 376 21.25 -19.93 11.43
CA VAL A 376 21.30 -20.72 10.20
C VAL A 376 20.45 -20.05 9.13
N GLU A 377 20.90 -20.15 7.88
CA GLU A 377 20.19 -19.50 6.77
C GLU A 377 20.51 -20.20 5.46
N PHE A 378 19.49 -20.55 4.68
CA PHE A 378 19.73 -21.16 3.37
C PHE A 378 20.19 -20.13 2.34
N VAL A 379 21.11 -20.53 1.47
CA VAL A 379 21.46 -19.69 0.32
C VAL A 379 20.29 -19.69 -0.68
N LYS A 380 19.76 -18.51 -0.99
CA LYS A 380 18.58 -18.40 -1.86
C LYS A 380 18.86 -18.95 -3.26
N SER A 381 19.81 -18.34 -3.97
CA SER A 381 20.13 -18.81 -5.31
C SER A 381 21.63 -18.89 -5.54
N PRO A 382 22.24 -20.00 -5.12
CA PRO A 382 23.68 -20.16 -5.33
C PRO A 382 23.99 -20.26 -6.83
N PRO A 383 25.22 -19.91 -7.22
CA PRO A 383 25.63 -20.00 -8.63
C PRO A 383 25.52 -21.43 -9.13
N ASN A 384 25.82 -22.39 -8.24
CA ASN A 384 25.68 -23.80 -8.57
C ASN A 384 24.26 -24.25 -8.29
N ALA A 385 23.41 -24.12 -9.30
CA ALA A 385 21.97 -24.27 -9.18
C ALA A 385 21.53 -25.65 -8.73
N ALA A 386 22.39 -26.68 -8.89
CA ALA A 386 22.03 -28.01 -8.40
C ALA A 386 21.84 -28.01 -6.89
N MET A 387 22.49 -27.06 -6.23
CA MET A 387 22.49 -26.98 -4.78
C MET A 387 21.42 -26.03 -4.23
N ALA A 388 20.62 -25.45 -5.14
CA ALA A 388 19.55 -24.52 -4.75
C ALA A 388 18.62 -25.16 -3.74
N GLY A 389 18.45 -24.51 -2.59
CA GLY A 389 17.57 -25.02 -1.56
C GLY A 389 18.22 -25.99 -0.59
N TRP A 390 19.42 -26.50 -0.92
CA TRP A 390 20.09 -27.51 -0.10
C TRP A 390 21.32 -27.02 0.63
N LEU A 391 21.73 -25.78 0.35
CA LEU A 391 22.91 -25.20 0.94
C LEU A 391 22.55 -24.36 2.16
N LEU A 392 23.08 -24.75 3.32
CA LEU A 392 22.79 -24.03 4.58
C LEU A 392 24.05 -23.41 5.18
N THR A 393 23.99 -22.12 5.47
CA THR A 393 25.11 -21.45 6.13
C THR A 393 24.77 -21.29 7.61
N SER A 394 25.75 -21.56 8.46
CA SER A 394 25.55 -21.43 9.89
C SER A 394 26.72 -20.67 10.52
N CYS A 395 26.47 -20.02 11.65
CA CYS A 395 27.56 -19.40 12.40
C CYS A 395 27.38 -19.69 13.87
N GLY A 396 28.47 -19.64 14.63
CA GLY A 396 28.38 -20.08 16.01
C GLY A 396 29.32 -19.36 16.97
N MET A 397 29.11 -19.59 18.26
CA MET A 397 29.95 -19.01 19.28
C MET A 397 31.31 -19.70 19.33
N ASP A 398 31.55 -20.64 18.41
CA ASP A 398 32.91 -21.17 18.29
C ASP A 398 33.78 -20.24 17.43
N GLY A 399 33.16 -19.18 16.92
CA GLY A 399 33.84 -18.20 16.08
C GLY A 399 34.00 -18.59 14.63
N VAL A 400 33.26 -19.61 14.21
CA VAL A 400 33.40 -20.19 12.88
C VAL A 400 32.10 -20.07 12.07
N VAL A 401 32.25 -19.84 10.76
CA VAL A 401 31.09 -19.90 9.84
C VAL A 401 31.22 -21.17 9.02
N ARG A 402 30.13 -21.91 8.85
CA ARG A 402 30.19 -23.13 8.07
C ARG A 402 29.09 -23.18 7.02
N ARG A 403 29.31 -23.98 5.99
CA ARG A 403 28.26 -24.23 5.02
C ARG A 403 28.14 -25.72 4.78
N TRP A 404 26.88 -26.15 4.71
CA TRP A 404 26.45 -27.54 4.74
C TRP A 404 25.64 -27.90 3.50
N ASP A 405 25.86 -29.12 3.02
CA ASP A 405 25.07 -29.76 1.97
C ASP A 405 24.05 -30.64 2.67
N LEU A 406 22.76 -30.28 2.59
CA LEU A 406 21.72 -30.97 3.34
C LEU A 406 20.96 -32.02 2.52
N ARG A 407 21.50 -32.39 1.35
CA ARG A 407 20.85 -33.39 0.52
C ARG A 407 20.89 -34.77 1.15
N GLY A 408 21.96 -35.06 1.87
CA GLY A 408 22.16 -36.37 2.47
C GLY A 408 21.19 -36.66 3.61
N GLY A 409 21.32 -37.85 4.19
CA GLY A 409 20.47 -38.22 5.31
C GLY A 409 21.21 -39.00 6.38
N GLY A 437 28.22 -33.59 5.99
CA GLY A 437 27.89 -32.82 4.79
C GLY A 437 28.53 -31.44 4.74
N LEU A 438 29.64 -31.27 5.44
CA LEU A 438 30.31 -29.98 5.48
C LEU A 438 30.89 -29.61 4.12
N VAL A 439 30.49 -28.44 3.62
CA VAL A 439 30.93 -27.92 2.32
C VAL A 439 32.13 -27.00 2.51
N LYS A 440 32.01 -26.09 3.47
CA LYS A 440 33.15 -25.18 3.71
C LYS A 440 33.13 -24.63 5.12
N GLU A 441 34.28 -24.19 5.60
CA GLU A 441 34.33 -23.50 6.87
C GLU A 441 35.26 -22.31 6.78
N TRP A 442 34.88 -21.24 7.47
CA TRP A 442 35.58 -19.98 7.44
C TRP A 442 35.91 -19.55 8.86
N LYS A 443 37.21 -19.44 9.11
CA LYS A 443 37.74 -19.06 10.42
C LYS A 443 38.28 -17.64 10.39
N GLY A 444 38.43 -17.05 11.57
CA GLY A 444 38.98 -15.71 11.67
C GLY A 444 38.57 -15.01 12.94
N HIS A 445 37.32 -15.22 13.36
CA HIS A 445 36.86 -14.68 14.62
C HIS A 445 37.47 -15.43 15.79
N ARG A 446 37.62 -14.75 16.92
CA ARG A 446 37.94 -15.45 18.16
C ARG A 446 36.74 -16.30 18.58
N SER A 447 37.02 -17.35 19.35
CA SER A 447 35.98 -18.18 19.92
C SER A 447 35.33 -17.44 21.08
N GLY A 448 34.14 -17.89 21.48
CA GLY A 448 33.43 -17.30 22.60
C GLY A 448 34.25 -17.22 23.89
N GLN A 449 35.06 -18.23 24.13
CA GLN A 449 35.83 -18.25 25.38
C GLN A 449 36.98 -17.25 25.35
N GLU A 450 37.29 -16.74 24.17
CA GLU A 450 38.32 -15.71 24.02
C GLU A 450 37.69 -14.34 23.79
N GLY A 451 36.38 -14.22 24.03
CA GLY A 451 35.69 -12.95 23.88
C GLY A 451 35.09 -12.75 22.50
N GLY A 452 35.02 -13.82 21.73
CA GLY A 452 34.52 -13.74 20.36
C GLY A 452 33.24 -14.52 20.14
N GLY A 453 33.15 -15.17 18.98
CA GLY A 453 31.91 -15.82 18.56
C GLY A 453 31.27 -14.98 17.47
N VAL A 454 30.64 -15.64 16.50
CA VAL A 454 29.96 -14.94 15.41
C VAL A 454 28.49 -14.68 15.77
N LEU A 455 28.11 -13.41 15.85
CA LEU A 455 26.77 -13.07 16.35
C LEU A 455 25.77 -12.86 15.24
N GLY A 456 26.24 -12.90 13.99
CA GLY A 456 25.35 -12.66 12.86
C GLY A 456 26.12 -12.66 11.56
N PHE A 457 25.39 -12.80 10.47
CA PHE A 457 25.97 -12.67 9.14
C PHE A 457 24.94 -12.36 8.08
N VAL A 458 25.40 -11.83 6.95
CA VAL A 458 24.59 -11.78 5.73
C VAL A 458 25.37 -12.46 4.61
N GLN A 459 24.67 -12.94 3.58
CA GLN A 459 25.38 -13.63 2.50
C GLN A 459 24.80 -13.34 1.13
N GLY A 460 23.90 -12.36 1.04
CA GLY A 460 23.29 -11.97 -0.24
C GLY A 460 22.43 -13.08 -0.81
N GLU A 461 21.89 -12.85 -2.00
CA GLU A 461 21.06 -13.86 -2.66
C GLU A 461 21.86 -15.09 -3.06
N THR A 462 23.10 -14.87 -3.52
CA THR A 462 23.91 -15.96 -4.08
C THR A 462 24.82 -16.69 -3.09
N GLY A 463 25.02 -16.10 -1.92
CA GLY A 463 25.89 -16.70 -0.91
C GLY A 463 27.37 -16.57 -1.20
N GLU A 464 27.73 -15.83 -2.26
CA GLU A 464 29.13 -15.79 -2.70
C GLU A 464 30.05 -14.94 -1.82
N ARG A 465 29.48 -13.97 -1.11
CA ARG A 465 30.23 -13.23 -0.08
C ARG A 465 29.48 -13.28 1.24
N ILE A 466 30.19 -13.64 2.29
CA ILE A 466 29.58 -13.71 3.61
C ILE A 466 30.20 -12.62 4.46
N VAL A 467 29.36 -11.76 5.05
CA VAL A 467 29.88 -10.71 5.90
C VAL A 467 29.40 -10.99 7.31
N THR A 468 30.32 -11.01 8.26
CA THR A 468 30.03 -11.40 9.64
C THR A 468 30.17 -10.26 10.62
N VAL A 469 29.43 -10.36 11.73
CA VAL A 469 29.66 -9.48 12.87
C VAL A 469 30.01 -10.32 14.10
N GLY A 470 31.03 -9.87 14.83
CA GLY A 470 31.59 -10.68 15.90
C GLY A 470 31.53 -10.05 17.28
N ASP A 471 31.46 -10.91 18.30
CA ASP A 471 31.47 -10.47 19.69
C ASP A 471 32.84 -9.86 19.99
N ASP A 472 33.81 -10.16 19.13
CA ASP A 472 35.18 -9.67 19.31
C ASP A 472 35.40 -8.35 18.58
N ALA A 473 34.29 -7.65 18.25
CA ALA A 473 34.33 -6.29 17.72
C ALA A 473 34.93 -6.18 16.33
N VAL A 474 34.93 -7.28 15.59
CA VAL A 474 35.47 -7.27 14.24
C VAL A 474 34.37 -7.70 13.26
N VAL A 475 34.41 -7.15 12.06
CA VAL A 475 33.52 -7.51 10.96
C VAL A 475 34.36 -8.19 9.89
N LEU A 476 33.98 -9.39 9.46
CA LEU A 476 34.84 -10.10 8.50
C LEU A 476 34.14 -10.37 7.18
N VAL A 477 34.92 -10.45 6.10
CA VAL A 477 34.38 -10.78 4.78
C VAL A 477 35.00 -12.08 4.29
N PHE A 478 34.15 -13.06 3.98
CA PHE A 478 34.59 -14.34 3.43
C PHE A 478 34.05 -14.54 2.02
N GLU A 479 34.75 -15.31 1.20
CA GLU A 479 34.25 -15.64 -0.12
C GLU A 479 33.95 -17.13 -0.28
N ALA A 480 32.91 -17.43 -1.04
CA ALA A 480 32.49 -18.82 -1.26
C ALA A 480 33.25 -19.44 -2.42
N ALA B 2 27.33 0.91 27.25
CA ALA B 2 26.35 0.25 26.40
C ALA B 2 26.14 -1.20 26.87
N ARG B 3 24.93 -1.70 26.66
CA ARG B 3 24.55 -3.01 27.16
C ARG B 3 24.65 -4.11 26.11
N ARG B 4 24.52 -5.35 26.58
CA ARG B 4 24.50 -6.50 25.70
C ARG B 4 23.07 -6.99 25.58
N PRO B 5 22.68 -7.39 24.38
CA PRO B 5 21.31 -7.88 24.19
C PRO B 5 21.03 -9.20 24.94
N ALA B 6 19.76 -9.45 25.20
CA ALA B 6 19.33 -10.65 25.90
C ALA B 6 19.87 -11.94 25.30
N ARG B 7 19.96 -11.97 23.98
CA ARG B 7 20.37 -13.21 23.31
C ARG B 7 21.82 -13.55 23.64
N CYS B 8 22.65 -12.53 23.84
CA CYS B 8 24.04 -12.81 24.21
C CYS B 8 24.11 -13.51 25.57
N TYR B 9 23.26 -13.07 26.49
CA TYR B 9 23.20 -13.72 27.80
C TYR B 9 22.67 -15.13 27.69
N ARG B 10 21.80 -15.38 26.70
CA ARG B 10 21.40 -16.78 26.47
C ARG B 10 22.56 -17.63 25.94
N TYR B 11 23.33 -17.08 25.01
CA TYR B 11 24.43 -17.82 24.43
C TYR B 11 25.46 -18.17 25.51
N CYS B 12 25.71 -17.23 26.43
CA CYS B 12 26.88 -17.34 27.30
C CYS B 12 26.87 -18.48 28.32
N LYS B 13 25.68 -18.93 28.72
CA LYS B 13 25.48 -20.24 29.39
C LYS B 13 24.01 -20.40 29.75
N GLU C 1 -40.76 -0.52 -4.20
CA GLU C 1 -40.73 0.60 -3.27
C GLU C 1 -40.15 1.83 -3.96
N ASN C 2 -40.62 3.00 -3.56
CA ASN C 2 -40.17 4.27 -4.12
C ASN C 2 -40.01 5.27 -2.99
N ASP C 3 -38.76 5.59 -2.66
CA ASP C 3 -38.48 6.49 -1.55
C ASP C 3 -38.30 7.94 -1.99
N SER C 4 -38.41 8.19 -3.29
CA SER C 4 -38.17 9.53 -3.83
C SER C 4 -39.24 10.52 -3.40
N ILE C 5 -38.85 11.78 -3.22
CA ILE C 5 -39.78 12.86 -2.87
C ILE C 5 -40.14 13.68 -4.09
N ALA C 6 -39.37 13.50 -5.16
CA ALA C 6 -39.69 14.14 -6.43
C ALA C 6 -39.02 13.38 -7.55
N TYR C 7 -39.47 13.63 -8.78
CA TYR C 7 -38.89 12.98 -9.95
C TYR C 7 -38.97 13.83 -11.21
N PHE C 8 -38.24 13.41 -12.23
CA PHE C 8 -38.27 14.06 -13.52
C PHE C 8 -38.13 13.00 -14.61
N ASP C 9 -39.20 12.84 -15.40
CA ASP C 9 -39.24 11.82 -16.44
C ASP C 9 -39.18 12.40 -17.84
N GLY C 10 -38.64 13.62 -17.95
CA GLY C 10 -38.55 14.30 -19.24
C GLY C 10 -37.62 13.61 -20.23
N HIS C 11 -36.56 12.99 -19.73
CA HIS C 11 -35.64 12.26 -20.61
C HIS C 11 -36.34 11.09 -21.28
N LYS C 12 -36.13 10.92 -22.59
CA LYS C 12 -36.82 9.86 -23.31
C LYS C 12 -36.06 8.54 -23.17
N ASP C 13 -34.78 8.61 -22.86
CA ASP C 13 -33.96 7.42 -22.66
C ASP C 13 -32.91 7.65 -21.57
N SER C 14 -31.93 6.75 -21.49
CA SER C 14 -30.96 6.70 -20.40
C SER C 14 -30.29 8.04 -20.09
N VAL C 15 -30.27 8.40 -18.80
CA VAL C 15 -29.60 9.61 -18.34
C VAL C 15 -28.19 9.28 -17.81
N PHE C 16 -27.17 9.89 -18.40
CA PHE C 16 -25.78 9.51 -18.15
C PHE C 16 -25.00 10.52 -17.31
N ALA C 17 -25.45 11.78 -17.31
CA ALA C 17 -24.66 12.85 -16.72
C ALA C 17 -25.48 13.71 -15.78
N ILE C 18 -24.84 14.21 -14.74
CA ILE C 18 -25.48 15.09 -13.77
C ILE C 18 -24.44 16.05 -13.19
N ALA C 19 -24.83 17.31 -13.05
CA ALA C 19 -23.97 18.32 -12.46
C ALA C 19 -24.79 19.16 -11.50
N GLN C 20 -24.14 19.66 -10.47
CA GLN C 20 -24.81 20.45 -9.46
C GLN C 20 -24.13 21.82 -9.39
N HIS C 21 -24.93 22.87 -9.22
CA HIS C 21 -24.37 24.21 -9.01
C HIS C 21 -23.65 24.24 -7.65
N PRO C 22 -22.39 24.75 -7.63
CA PRO C 22 -21.59 24.68 -6.39
C PRO C 22 -22.07 25.59 -5.26
N LEU C 23 -22.90 26.58 -5.56
CA LEU C 23 -23.40 27.48 -4.53
C LEU C 23 -24.86 27.19 -4.20
N TYR C 24 -25.61 26.74 -5.21
CA TYR C 24 -27.04 26.48 -5.07
C TYR C 24 -27.36 25.03 -5.43
N PRO C 25 -27.35 24.15 -4.43
CA PRO C 25 -27.51 22.69 -4.63
C PRO C 25 -28.84 22.31 -5.27
N ASN C 26 -29.83 23.20 -5.17
CA ASN C 26 -31.14 22.93 -5.74
C ASN C 26 -31.11 22.99 -7.27
N ILE C 27 -30.09 23.64 -7.82
CA ILE C 27 -29.93 23.72 -9.27
C ILE C 27 -29.09 22.57 -9.78
N VAL C 28 -29.71 21.69 -10.58
CA VAL C 28 -29.05 20.49 -11.09
C VAL C 28 -29.29 20.31 -12.58
N ALA C 29 -28.24 20.05 -13.34
CA ALA C 29 -28.41 19.71 -14.75
C ALA C 29 -28.26 18.21 -14.98
N THR C 30 -29.07 17.66 -15.88
CA THR C 30 -28.98 16.23 -16.20
C THR C 30 -28.90 16.08 -17.70
N GLY C 31 -28.32 14.98 -18.16
CA GLY C 31 -28.09 14.81 -19.57
C GLY C 31 -27.99 13.37 -20.00
N GLY C 32 -28.49 13.09 -21.19
CA GLY C 32 -28.45 11.73 -21.69
C GLY C 32 -28.90 11.52 -23.11
N SER C 33 -29.54 10.38 -23.33
CA SER C 33 -29.92 9.90 -24.65
C SER C 33 -31.41 10.02 -24.86
N GLU C 34 -31.81 10.30 -26.10
CA GLU C 34 -33.22 10.39 -26.44
C GLU C 34 -33.72 9.14 -27.15
N GLY C 35 -32.87 8.12 -27.23
CA GLY C 35 -33.24 6.87 -27.86
C GLY C 35 -32.09 6.18 -28.57
N ASP C 36 -32.26 4.90 -28.86
CA ASP C 36 -31.20 4.09 -29.46
C ASP C 36 -31.09 4.24 -30.98
N ALA C 37 -32.13 4.77 -31.62
CA ALA C 37 -32.09 5.02 -33.06
C ALA C 37 -31.05 6.09 -33.38
N ASP C 38 -30.37 5.94 -34.53
CA ASP C 38 -29.31 6.87 -34.89
C ASP C 38 -29.81 8.29 -35.10
N ASP C 39 -31.10 8.41 -35.42
CA ASP C 39 -31.72 9.72 -35.58
C ASP C 39 -32.16 10.30 -34.24
N ALA C 40 -31.98 9.54 -33.17
CA ALA C 40 -32.27 10.03 -31.83
C ALA C 40 -31.06 10.80 -31.30
N PRO C 41 -31.28 12.05 -30.87
CA PRO C 41 -30.18 12.92 -30.43
C PRO C 41 -29.90 12.80 -28.94
N GLY C 42 -29.02 13.68 -28.44
CA GLY C 42 -28.80 13.76 -27.01
C GLY C 42 -29.65 14.87 -26.45
N LYS C 43 -29.86 14.86 -25.14
CA LYS C 43 -30.70 15.88 -24.53
C LYS C 43 -30.32 16.18 -23.10
N GLY C 44 -30.32 17.47 -22.76
CA GLY C 44 -30.09 17.87 -21.38
C GLY C 44 -31.23 18.69 -20.81
N TYR C 45 -31.37 18.68 -19.50
CA TYR C 45 -32.34 19.53 -18.83
C TYR C 45 -31.70 20.18 -17.62
N VAL C 46 -32.20 21.34 -17.24
CA VAL C 46 -31.82 21.93 -15.97
C VAL C 46 -33.03 21.98 -15.05
N LEU C 47 -32.83 21.55 -13.81
CA LEU C 47 -33.89 21.41 -12.83
C LEU C 47 -33.60 22.28 -11.62
N ASP C 48 -34.68 22.68 -10.97
CA ASP C 48 -34.65 23.33 -9.67
C ASP C 48 -35.51 22.47 -8.74
N ILE C 49 -34.86 21.77 -7.81
CA ILE C 49 -35.55 20.82 -6.95
C ILE C 49 -36.10 21.45 -5.66
N SER C 50 -35.97 22.77 -5.52
CA SER C 50 -36.42 23.44 -4.30
C SER C 50 -37.94 23.40 -4.16
N SER C 75 -43.82 15.76 -9.70
CA SER C 75 -43.21 15.80 -11.03
C SER C 75 -42.56 17.16 -11.29
N LEU C 76 -41.26 17.16 -11.55
CA LEU C 76 -40.51 18.41 -11.71
C LEU C 76 -40.58 18.99 -13.12
N ASN C 77 -40.68 20.32 -13.22
CA ASN C 77 -40.60 21.00 -14.51
C ASN C 77 -39.24 21.67 -14.70
N PRO C 78 -38.61 21.41 -15.85
CA PRO C 78 -37.27 21.95 -16.07
C PRO C 78 -37.29 23.45 -16.20
N ILE C 79 -36.19 24.10 -15.85
CA ILE C 79 -36.08 25.54 -16.00
C ILE C 79 -35.23 25.89 -17.20
N PHE C 80 -34.67 24.88 -17.83
CA PHE C 80 -33.90 25.09 -19.05
C PHE C 80 -33.74 23.78 -19.82
N GLU C 81 -33.39 23.90 -21.08
CA GLU C 81 -33.27 22.76 -21.95
C GLU C 81 -32.00 22.83 -22.79
N ILE C 82 -31.21 21.76 -22.76
CA ILE C 82 -29.98 21.70 -23.53
C ILE C 82 -30.18 20.90 -24.80
N ASP C 83 -30.23 21.63 -25.92
CA ASP C 83 -30.36 21.04 -27.25
C ASP C 83 -29.09 21.34 -28.04
N GLY C 84 -28.94 20.66 -29.17
CA GLY C 84 -27.79 20.91 -30.02
C GLY C 84 -26.93 19.69 -30.20
N HIS C 85 -26.97 18.79 -29.22
CA HIS C 85 -26.20 17.56 -29.31
C HIS C 85 -26.88 16.53 -30.18
N THR C 86 -26.17 16.06 -31.20
CA THR C 86 -26.67 15.05 -32.13
C THR C 86 -26.41 13.64 -31.60
N ASP C 87 -25.77 13.55 -30.44
CA ASP C 87 -25.55 12.27 -29.76
C ASP C 87 -25.71 12.51 -28.27
N SER C 88 -25.64 11.44 -27.48
CA SER C 88 -25.92 11.49 -26.06
C SER C 88 -25.07 12.52 -25.33
N ILE C 89 -25.68 13.24 -24.40
CA ILE C 89 -24.91 14.08 -23.48
C ILE C 89 -24.26 13.15 -22.47
N ASN C 90 -22.93 13.14 -22.44
CA ASN C 90 -22.14 12.21 -21.64
C ASN C 90 -21.53 12.87 -20.40
N ALA C 91 -21.42 14.19 -20.42
CA ALA C 91 -20.77 14.92 -19.35
C ALA C 91 -21.36 16.31 -19.13
N LEU C 92 -21.49 16.70 -17.87
CA LEU C 92 -21.97 18.03 -17.50
C LEU C 92 -21.18 18.60 -16.33
N THR C 93 -20.94 19.89 -16.34
CA THR C 93 -20.39 20.50 -15.16
C THR C 93 -20.73 21.98 -15.06
N PHE C 94 -21.02 22.44 -13.84
CA PHE C 94 -20.98 23.86 -13.54
C PHE C 94 -19.53 24.21 -13.22
N THR C 95 -19.10 25.42 -13.55
CA THR C 95 -17.73 25.77 -13.19
C THR C 95 -17.59 26.14 -11.72
N LEU C 96 -16.36 26.00 -11.22
CA LEU C 96 -15.99 26.51 -9.90
C LEU C 96 -15.38 27.90 -10.10
N PRO C 97 -15.45 28.76 -9.07
CA PRO C 97 -15.98 28.56 -7.73
C PRO C 97 -17.48 28.87 -7.60
N ARG C 98 -18.06 29.54 -8.58
CA ARG C 98 -19.40 30.10 -8.39
C ARG C 98 -20.43 29.71 -9.45
N GLY C 99 -20.10 28.76 -10.32
CA GLY C 99 -21.04 28.30 -11.32
C GLY C 99 -21.45 29.35 -12.34
N ASP C 100 -20.50 30.15 -12.80
CA ASP C 100 -20.79 31.20 -13.78
C ASP C 100 -21.10 30.59 -15.14
N PHE C 101 -20.72 29.33 -15.34
CA PHE C 101 -20.97 28.64 -16.59
C PHE C 101 -21.47 27.23 -16.36
N LEU C 102 -22.26 26.76 -17.31
CA LEU C 102 -22.70 25.39 -17.39
C LEU C 102 -22.20 24.85 -18.72
N VAL C 103 -21.51 23.71 -18.68
CA VAL C 103 -20.91 23.16 -19.89
C VAL C 103 -21.42 21.75 -20.12
N SER C 104 -21.88 21.45 -21.33
CA SER C 104 -22.27 20.08 -21.65
C SER C 104 -21.31 19.49 -22.67
N GLY C 105 -21.08 18.19 -22.56
CA GLY C 105 -20.23 17.49 -23.50
C GLY C 105 -20.91 16.23 -23.97
N GLY C 106 -20.82 15.95 -25.26
CA GLY C 106 -21.56 14.86 -25.84
C GLY C 106 -20.70 13.78 -26.47
N MET C 107 -21.32 12.65 -26.77
CA MET C 107 -20.64 11.58 -27.48
C MET C 107 -20.41 11.97 -28.93
N ASP C 108 -20.97 13.12 -29.31
CA ASP C 108 -20.71 13.72 -30.62
C ASP C 108 -19.47 14.62 -30.60
N GLY C 109 -18.87 14.76 -29.43
CA GLY C 109 -17.66 15.56 -29.28
C GLY C 109 -17.94 17.04 -29.08
N ARG C 110 -19.21 17.41 -29.17
CA ARG C 110 -19.59 18.81 -28.98
C ARG C 110 -19.45 19.23 -27.52
N MET C 111 -18.83 20.39 -27.32
CA MET C 111 -18.80 21.03 -26.02
C MET C 111 -19.55 22.34 -26.11
N ARG C 112 -20.64 22.46 -25.35
CA ARG C 112 -21.47 23.64 -25.40
C ARG C 112 -21.43 24.40 -24.07
N VAL C 113 -21.15 25.69 -24.18
CA VAL C 113 -20.95 26.58 -23.06
C VAL C 113 -22.08 27.60 -22.93
N TYR C 114 -22.66 27.60 -21.74
CA TYR C 114 -23.75 28.48 -21.32
C TYR C 114 -23.33 29.37 -20.18
N ALA C 115 -23.64 30.66 -20.27
CA ALA C 115 -23.50 31.53 -19.13
C ALA C 115 -24.66 31.32 -18.17
N VAL C 116 -24.41 31.46 -16.88
CA VAL C 116 -25.44 31.22 -15.86
C VAL C 116 -25.67 32.43 -14.98
N SER C 117 -26.93 32.86 -14.86
CA SER C 117 -27.27 33.93 -13.94
C SER C 117 -28.29 33.48 -12.92
N VAL C 118 -27.95 33.64 -11.64
CA VAL C 118 -28.87 33.32 -10.57
C VAL C 118 -29.29 34.60 -9.87
N PRO C 119 -30.47 35.11 -10.22
CA PRO C 119 -31.06 36.24 -9.48
C PRO C 119 -31.23 35.79 -8.04
N GLN C 120 -31.12 36.69 -7.07
CA GLN C 120 -31.30 36.25 -5.69
C GLN C 120 -32.68 36.62 -5.13
N ASN C 121 -33.06 37.89 -5.14
CA ASN C 121 -34.45 38.20 -4.85
C ASN C 121 -35.34 38.01 -6.08
N GLY C 122 -34.73 38.11 -7.26
CA GLY C 122 -35.42 38.05 -8.54
C GLY C 122 -36.28 36.83 -8.78
N ALA C 123 -35.74 35.85 -9.52
CA ALA C 123 -36.53 34.70 -9.93
C ALA C 123 -35.66 33.48 -10.24
N LEU C 124 -36.17 32.61 -11.12
CA LEU C 124 -35.47 31.38 -11.48
C LEU C 124 -34.13 31.66 -12.16
N ALA C 125 -33.26 30.67 -12.13
CA ALA C 125 -31.95 30.79 -12.75
C ALA C 125 -32.09 30.84 -14.27
N GLN C 126 -31.25 31.66 -14.90
CA GLN C 126 -31.30 31.83 -16.35
C GLN C 126 -30.02 31.37 -17.03
N PHE C 127 -30.15 30.95 -18.29
CA PHE C 127 -29.05 30.33 -19.01
C PHE C 127 -28.99 30.84 -20.44
N LYS C 128 -27.79 31.16 -20.90
CA LYS C 128 -27.60 31.68 -22.24
C LYS C 128 -26.49 30.96 -22.96
N PHE C 129 -26.81 30.35 -24.10
CA PHE C 129 -25.80 29.71 -24.94
C PHE C 129 -24.78 30.73 -25.42
N LEU C 130 -23.52 30.47 -25.11
CA LEU C 130 -22.45 31.33 -25.56
C LEU C 130 -21.72 30.72 -26.74
N ALA C 131 -21.31 29.46 -26.61
CA ALA C 131 -20.47 28.91 -27.67
C ALA C 131 -20.46 27.39 -27.76
N GLU C 132 -20.06 26.89 -28.93
CA GLU C 132 -19.94 25.45 -29.16
C GLU C 132 -18.63 25.15 -29.87
N SER C 133 -17.89 24.15 -29.38
CA SER C 133 -16.70 23.71 -30.09
C SER C 133 -16.63 22.20 -30.18
N GLN C 134 -15.69 21.69 -30.96
CA GLN C 134 -15.61 20.27 -31.23
C GLN C 134 -14.16 19.84 -31.38
N GLU C 135 -13.41 19.88 -30.28
CA GLU C 135 -11.99 19.57 -30.33
C GLU C 135 -11.72 18.07 -30.41
N THR C 136 -12.70 17.28 -29.96
CA THR C 136 -12.58 15.83 -29.96
C THR C 136 -13.85 15.19 -30.52
N GLU C 137 -13.80 13.88 -30.73
CA GLU C 137 -14.93 13.18 -31.33
C GLU C 137 -15.92 12.70 -30.29
N GLU C 138 -15.45 12.47 -29.07
CA GLU C 138 -16.29 11.93 -28.01
C GLU C 138 -15.76 12.28 -26.62
N ILE C 139 -16.56 13.03 -25.87
CA ILE C 139 -16.15 13.48 -24.53
C ILE C 139 -16.57 12.48 -23.45
N ASN C 140 -15.61 12.03 -22.63
CA ASN C 140 -15.90 11.02 -21.61
C ASN C 140 -16.19 11.59 -20.23
N TRP C 141 -15.61 12.75 -19.90
CA TRP C 141 -15.78 13.32 -18.57
C TRP C 141 -15.38 14.80 -18.53
N PHE C 142 -15.95 15.51 -17.57
CA PHE C 142 -15.52 16.86 -17.21
C PHE C 142 -15.02 16.85 -15.77
N ALA C 143 -14.11 17.76 -15.46
CA ALA C 143 -13.73 18.04 -14.08
C ALA C 143 -13.38 19.50 -13.93
N PRO C 144 -14.12 20.25 -13.09
CA PRO C 144 -13.80 21.67 -12.90
C PRO C 144 -12.57 21.84 -12.05
N CYS C 145 -11.76 22.85 -12.38
CA CYS C 145 -10.53 23.11 -11.64
C CYS C 145 -10.83 23.78 -10.30
N PRO C 146 -10.34 23.19 -9.20
CA PRO C 146 -10.60 23.76 -7.88
C PRO C 146 -9.66 24.91 -7.50
N SER C 147 -8.69 25.25 -8.35
CA SER C 147 -7.78 26.35 -8.00
C SER C 147 -8.52 27.67 -7.88
N PRO C 148 -8.44 28.32 -6.71
CA PRO C 148 -9.01 29.67 -6.57
C PRO C 148 -8.29 30.68 -7.46
N ASP C 149 -7.13 30.30 -7.95
CA ASP C 149 -6.33 31.20 -8.78
C ASP C 149 -6.79 31.23 -10.23
N HIS C 150 -7.55 30.23 -10.64
CA HIS C 150 -7.94 30.06 -12.04
C HIS C 150 -9.42 29.70 -12.14
N PRO C 151 -10.29 30.66 -11.80
CA PRO C 151 -11.73 30.42 -11.84
C PRO C 151 -12.21 30.04 -13.24
N ASN C 152 -13.29 29.27 -13.30
CA ASN C 152 -13.93 28.91 -14.57
C ASN C 152 -13.04 28.17 -15.55
N THR C 153 -12.16 27.34 -14.98
CA THR C 153 -11.32 26.46 -15.76
C THR C 153 -11.85 25.04 -15.64
N ILE C 154 -11.88 24.30 -16.74
CA ILE C 154 -12.42 22.94 -16.73
C ILE C 154 -11.52 22.03 -17.56
N ALA C 155 -11.50 20.75 -17.20
CA ALA C 155 -10.78 19.75 -17.96
C ALA C 155 -11.77 18.74 -18.54
N LEU C 156 -11.39 18.16 -19.67
CA LEU C 156 -12.12 17.02 -20.21
C LEU C 156 -11.15 15.95 -20.69
N GLY C 157 -11.62 14.71 -20.75
CA GLY C 157 -10.86 13.63 -21.36
C GLY C 157 -11.72 13.04 -22.45
N ALA C 158 -11.10 12.54 -23.50
CA ALA C 158 -11.87 12.10 -24.67
C ALA C 158 -11.50 10.69 -25.09
N SER C 159 -12.28 10.13 -26.01
CA SER C 159 -12.07 8.77 -26.48
C SER C 159 -10.76 8.61 -27.26
N ASP C 160 -10.19 9.70 -27.76
CA ASP C 160 -8.89 9.60 -28.45
C ASP C 160 -7.74 9.64 -27.46
N GLY C 161 -8.07 9.71 -26.17
CA GLY C 161 -7.05 9.72 -25.14
C GLY C 161 -6.58 11.12 -24.82
N SER C 162 -7.05 12.10 -25.57
CA SER C 162 -6.60 13.46 -25.34
C SER C 162 -7.25 14.06 -24.09
N VAL C 163 -6.55 15.01 -23.50
CA VAL C 163 -7.05 15.72 -22.33
C VAL C 163 -6.96 17.20 -22.62
N TRP C 164 -8.08 17.90 -22.47
CA TRP C 164 -8.07 19.34 -22.76
C TRP C 164 -8.38 20.15 -21.54
N VAL C 165 -7.70 21.27 -21.35
CA VAL C 165 -8.03 22.19 -20.30
C VAL C 165 -8.41 23.53 -20.94
N PHE C 166 -9.61 24.00 -20.60
CA PHE C 166 -10.19 25.25 -21.14
C PHE C 166 -10.47 26.23 -20.01
N THR C 167 -10.31 27.53 -20.28
CA THR C 167 -10.80 28.50 -19.31
C THR C 167 -11.90 29.34 -19.99
N LEU C 168 -12.92 29.67 -19.21
CA LEU C 168 -14.09 30.35 -19.74
C LEU C 168 -14.15 31.78 -19.26
N ASP C 169 -14.08 32.71 -20.21
CA ASP C 169 -14.14 34.12 -19.95
C ASP C 169 -15.32 34.67 -20.77
N ALA C 170 -16.41 35.01 -20.08
CA ALA C 170 -17.63 35.49 -20.75
C ALA C 170 -17.33 36.73 -21.58
N SER C 171 -16.40 37.55 -21.11
CA SER C 171 -16.07 38.78 -21.80
C SER C 171 -15.53 38.52 -23.21
N ASP C 172 -15.99 39.38 -24.11
CA ASP C 172 -16.23 39.08 -25.52
C ASP C 172 -16.31 37.59 -25.85
N PRO C 173 -17.56 37.14 -26.09
CA PRO C 173 -17.92 35.87 -26.70
C PRO C 173 -17.52 35.74 -28.16
N SER C 174 -16.42 36.38 -28.56
CA SER C 174 -15.83 36.15 -29.87
C SER C 174 -15.32 34.75 -29.73
N ASN C 175 -14.89 34.50 -28.51
CA ASN C 175 -13.97 33.45 -28.14
C ASN C 175 -14.01 33.40 -26.62
N PRO C 176 -15.15 32.97 -26.04
CA PRO C 176 -15.23 32.91 -24.58
C PRO C 176 -14.42 31.71 -24.05
N VAL C 177 -14.09 30.80 -24.94
CA VAL C 177 -13.31 29.61 -24.58
C VAL C 177 -11.86 29.74 -24.96
N GLN C 178 -10.97 29.69 -23.98
CA GLN C 178 -9.56 29.66 -24.28
C GLN C 178 -8.98 28.31 -23.93
N ILE C 179 -7.99 27.89 -24.70
CA ILE C 179 -7.36 26.60 -24.49
C ILE C 179 -6.09 26.79 -23.68
N VAL C 180 -6.10 26.25 -22.47
CA VAL C 180 -4.94 26.31 -21.58
C VAL C 180 -4.01 25.19 -21.93
N GLN C 181 -4.56 23.99 -22.10
CA GLN C 181 -3.72 22.87 -22.53
C GLN C 181 -4.46 21.91 -23.45
N SER C 182 -3.70 21.24 -24.32
CA SER C 182 -4.20 20.10 -25.08
C SER C 182 -3.13 19.01 -25.07
N TYR C 183 -3.40 17.95 -24.32
CA TYR C 183 -2.46 16.86 -24.13
C TYR C 183 -2.85 15.63 -24.93
N PHE C 184 -1.86 14.98 -25.51
CA PHE C 184 -2.10 13.77 -26.28
C PHE C 184 -1.13 12.65 -25.89
N LEU C 185 -1.06 12.35 -24.59
CA LEU C 185 -0.13 11.35 -24.09
C LEU C 185 -0.75 9.95 -23.97
N HIS C 186 -2.00 9.85 -23.51
CA HIS C 186 -2.71 8.57 -23.53
C HIS C 186 -2.85 8.11 -24.96
N THR C 187 -2.88 6.80 -25.18
CA THR C 187 -3.21 6.27 -26.49
C THR C 187 -4.68 5.89 -26.57
N GLY C 188 -5.12 5.04 -25.65
CA GLY C 188 -6.50 4.61 -25.62
C GLY C 188 -7.38 5.66 -24.97
N PRO C 189 -8.70 5.41 -24.96
CA PRO C 189 -9.69 6.31 -24.39
C PRO C 189 -9.33 6.76 -22.97
N CYS C 190 -9.48 8.06 -22.72
CA CYS C 190 -9.22 8.62 -21.40
C CYS C 190 -10.47 8.46 -20.54
N THR C 191 -10.37 7.60 -19.54
CA THR C 191 -11.55 7.14 -18.83
C THR C 191 -11.95 7.99 -17.64
N ALA C 192 -10.99 8.67 -17.04
CA ALA C 192 -11.26 9.50 -15.85
C ALA C 192 -10.17 10.52 -15.59
N GLY C 193 -10.52 11.53 -14.80
CA GLY C 193 -9.60 12.59 -14.46
C GLY C 193 -9.94 13.15 -13.10
N ALA C 194 -8.93 13.63 -12.39
CA ALA C 194 -9.15 14.24 -11.10
C ALA C 194 -8.07 15.29 -10.86
N TRP C 195 -8.49 16.45 -10.37
CA TRP C 195 -7.54 17.50 -9.99
C TRP C 195 -6.99 17.29 -8.59
N SER C 196 -5.75 17.75 -8.36
CA SER C 196 -5.28 17.87 -6.99
C SER C 196 -6.10 18.98 -6.28
N PRO C 197 -6.15 18.93 -4.95
CA PRO C 197 -6.97 19.89 -4.20
C PRO C 197 -6.60 21.35 -4.47
N ASP C 198 -5.33 21.61 -4.77
CA ASP C 198 -4.89 22.98 -5.04
C ASP C 198 -5.13 23.36 -6.49
N GLY C 199 -5.61 22.41 -7.27
CA GLY C 199 -5.89 22.66 -8.67
C GLY C 199 -4.71 22.85 -9.62
N LEU C 200 -3.49 22.55 -9.19
CA LEU C 200 -2.35 22.79 -10.06
C LEU C 200 -2.00 21.54 -10.87
N LEU C 201 -2.45 20.38 -10.40
CA LEU C 201 -2.14 19.12 -11.06
C LEU C 201 -3.39 18.45 -11.57
N LEU C 202 -3.31 17.84 -12.74
CA LEU C 202 -4.47 17.12 -13.25
C LEU C 202 -4.09 15.66 -13.55
N ALA C 203 -4.70 14.71 -12.82
CA ALA C 203 -4.38 13.29 -13.00
C ALA C 203 -5.40 12.62 -13.88
N THR C 204 -4.94 11.97 -14.96
CA THR C 204 -5.86 11.27 -15.84
C THR C 204 -5.38 9.85 -16.15
N VAL C 205 -6.35 8.97 -16.40
CA VAL C 205 -6.07 7.56 -16.67
C VAL C 205 -6.75 7.10 -17.95
N SER C 206 -6.30 5.96 -18.47
CA SER C 206 -6.74 5.50 -19.77
C SER C 206 -6.96 4.00 -19.82
N GLU C 207 -7.80 3.56 -20.75
CA GLU C 207 -7.95 2.13 -21.04
C GLU C 207 -6.60 1.47 -21.36
N ASP C 208 -5.64 2.25 -21.83
CA ASP C 208 -4.36 1.68 -22.24
C ASP C 208 -3.39 1.49 -21.07
N GLU C 209 -3.92 1.64 -19.86
CA GLU C 209 -3.20 1.44 -18.59
C GLU C 209 -2.28 2.58 -18.16
N SER C 210 -2.29 3.70 -18.87
CA SER C 210 -1.37 4.78 -18.49
C SER C 210 -2.01 5.79 -17.52
N LEU C 211 -1.13 6.40 -16.73
CA LEU C 211 -1.48 7.50 -15.84
C LEU C 211 -0.58 8.67 -16.17
N HIS C 212 -1.20 9.83 -16.38
CA HIS C 212 -0.41 11.06 -16.57
C HIS C 212 -0.91 12.14 -15.63
N VAL C 213 0.01 12.82 -14.96
CA VAL C 213 -0.37 13.92 -14.08
C VAL C 213 0.22 15.22 -14.60
N TYR C 214 -0.64 16.04 -15.18
CA TYR C 214 -0.23 17.22 -15.92
C TYR C 214 0.01 18.43 -15.04
N ASP C 215 1.10 19.13 -15.37
CA ASP C 215 1.46 20.40 -14.78
C ASP C 215 0.71 21.53 -15.48
N VAL C 216 -0.58 21.66 -15.19
CA VAL C 216 -1.49 22.45 -16.04
C VAL C 216 -1.09 23.92 -16.13
N PHE C 217 -0.59 24.49 -15.04
CA PHE C 217 -0.34 25.94 -15.06
C PHE C 217 1.14 26.28 -15.02
N GLY C 218 1.98 25.29 -15.30
CA GLY C 218 3.41 25.51 -15.47
C GLY C 218 4.22 25.64 -14.19
N VAL C 219 3.59 25.44 -13.04
CA VAL C 219 4.26 25.72 -11.77
C VAL C 219 5.37 24.68 -11.51
N ALA C 220 5.02 23.41 -11.70
CA ALA C 220 6.01 22.34 -11.50
C ALA C 220 7.19 22.47 -12.44
N ALA C 221 6.94 22.88 -13.69
CA ALA C 221 8.01 23.07 -14.67
C ALA C 221 9.01 24.12 -14.16
N SER C 222 8.47 25.18 -13.56
CA SER C 222 9.30 26.26 -13.05
C SER C 222 10.10 25.81 -11.83
N LYS C 223 9.64 24.75 -11.16
CA LYS C 223 10.41 24.21 -10.03
C LYS C 223 11.23 22.95 -10.39
N SER C 224 11.44 22.71 -11.68
CA SER C 224 12.16 21.52 -12.17
C SER C 224 11.58 20.20 -11.63
N LEU C 225 10.26 20.10 -11.60
CA LEU C 225 9.61 18.88 -11.11
C LEU C 225 8.83 18.16 -12.21
N VAL C 226 9.09 18.49 -13.47
CA VAL C 226 8.44 17.77 -14.58
C VAL C 226 9.34 16.69 -15.19
N THR C 227 8.70 15.66 -15.72
CA THR C 227 9.39 14.58 -16.41
C THR C 227 9.98 15.05 -17.73
N ASP C 228 10.61 14.13 -18.45
CA ASP C 228 11.29 14.48 -19.70
C ASP C 228 10.37 14.96 -20.82
N ASN C 229 9.06 14.80 -20.67
CA ASN C 229 8.15 15.32 -21.69
C ASN C 229 7.80 16.76 -21.40
N GLY C 230 8.23 17.25 -20.24
CA GLY C 230 8.05 18.64 -19.84
C GLY C 230 6.61 19.02 -19.50
N GLN C 231 5.69 18.06 -19.63
CA GLN C 231 4.26 18.34 -19.46
C GLN C 231 3.68 17.74 -18.17
N THR C 232 4.28 16.64 -17.70
CA THR C 232 3.76 15.95 -16.53
C THR C 232 4.74 15.90 -15.37
N VAL C 233 4.22 15.66 -14.16
CA VAL C 233 5.09 15.42 -13.01
C VAL C 233 5.18 13.93 -12.73
N VAL C 234 4.21 13.20 -13.28
CA VAL C 234 4.16 11.73 -13.21
C VAL C 234 3.68 11.19 -14.55
N SER C 235 4.39 10.22 -15.09
CA SER C 235 3.97 9.53 -16.30
C SER C 235 4.32 8.05 -16.13
N LEU C 236 3.29 7.22 -16.06
CA LEU C 236 3.49 5.78 -15.89
C LEU C 236 2.65 5.01 -16.90
N THR C 237 3.23 3.98 -17.50
CA THR C 237 2.56 3.27 -18.59
C THR C 237 2.66 1.76 -18.42
N ASN C 238 2.14 1.03 -19.41
CA ASN C 238 2.14 -0.43 -19.38
C ASN C 238 3.54 -1.05 -19.30
N VAL C 239 4.55 -0.32 -19.75
CA VAL C 239 5.93 -0.83 -19.70
C VAL C 239 6.44 -0.84 -18.25
N ASP C 240 5.85 -0.02 -17.40
CA ASP C 240 6.24 0.05 -16.00
C ASP C 240 5.60 -1.09 -15.22
N GLN C 241 6.33 -2.18 -14.98
CA GLN C 241 5.71 -3.42 -14.51
C GLN C 241 5.10 -3.43 -13.09
N ARG C 242 5.62 -2.63 -12.17
CA ARG C 242 5.05 -2.56 -10.82
C ARG C 242 3.78 -1.67 -10.84
N PHE C 243 3.53 -1.03 -11.99
CA PHE C 243 2.36 -0.16 -12.14
C PHE C 243 1.26 -0.72 -13.03
N ALA C 244 1.65 -1.38 -14.11
CA ALA C 244 0.71 -1.87 -15.11
C ALA C 244 -0.49 -2.65 -14.56
N VAL C 245 -1.69 -2.16 -14.83
CA VAL C 245 -2.91 -2.86 -14.47
C VAL C 245 -3.53 -3.48 -15.71
N GLU C 246 -3.29 -4.78 -15.90
CA GLU C 246 -3.80 -5.48 -17.08
C GLU C 246 -5.29 -5.31 -17.24
N GLY C 247 -5.73 -4.85 -18.41
CA GLY C 247 -7.15 -4.65 -18.66
C GLY C 247 -7.57 -3.19 -18.64
N GLY C 248 -6.69 -2.32 -18.14
CA GLY C 248 -6.93 -0.89 -18.16
C GLY C 248 -7.26 -0.21 -16.85
N LEU C 249 -7.18 1.13 -16.86
CA LEU C 249 -7.58 1.95 -15.70
C LEU C 249 -8.88 2.69 -15.99
N PHE C 250 -9.73 2.82 -14.97
CA PHE C 250 -11.06 3.36 -15.13
C PHE C 250 -11.45 4.41 -14.09
N SER C 251 -10.63 4.59 -13.05
CA SER C 251 -10.95 5.56 -12.01
C SER C 251 -9.68 6.18 -11.46
N VAL C 252 -9.81 7.38 -10.89
CA VAL C 252 -8.67 8.12 -10.39
C VAL C 252 -9.17 9.08 -9.33
N ALA C 253 -8.37 9.28 -8.27
CA ALA C 253 -8.68 10.25 -7.22
C ALA C 253 -7.40 10.76 -6.57
N VAL C 254 -7.42 12.02 -6.14
CA VAL C 254 -6.25 12.61 -5.47
C VAL C 254 -6.55 12.85 -3.99
N SER C 255 -5.58 12.57 -3.12
CA SER C 255 -5.78 12.68 -1.67
C SER C 255 -5.94 14.15 -1.25
N PRO C 256 -6.55 14.38 -0.09
CA PRO C 256 -6.87 15.76 0.32
C PRO C 256 -5.67 16.66 0.53
N THR C 257 -4.49 16.10 0.85
CA THR C 257 -3.27 16.89 0.97
C THR C 257 -2.56 17.06 -0.38
N GLY C 258 -3.04 16.34 -1.40
CA GLY C 258 -2.37 16.33 -2.69
C GLY C 258 -1.11 15.47 -2.76
N ALA C 259 -0.87 14.69 -1.71
CA ALA C 259 0.38 13.93 -1.58
C ALA C 259 0.42 12.69 -2.47
N VAL C 260 -0.75 12.12 -2.75
CA VAL C 260 -0.82 10.91 -3.57
C VAL C 260 -2.01 10.88 -4.51
N VAL C 261 -1.89 10.09 -5.56
CA VAL C 261 -3.00 9.80 -6.46
C VAL C 261 -3.29 8.29 -6.40
N ALA C 262 -4.56 7.95 -6.42
CA ALA C 262 -4.99 6.56 -6.50
C ALA C 262 -5.57 6.33 -7.88
N VAL C 263 -5.20 5.20 -8.51
CA VAL C 263 -5.83 4.83 -9.77
C VAL C 263 -6.44 3.44 -9.59
N GLY C 264 -7.58 3.20 -10.20
CA GLY C 264 -8.21 1.88 -10.06
C GLY C 264 -8.54 1.31 -11.43
N GLY C 265 -8.50 0.00 -11.57
CA GLY C 265 -8.64 -0.58 -12.88
C GLY C 265 -9.19 -2.00 -12.86
N ALA C 266 -8.88 -2.72 -13.93
CA ALA C 266 -9.37 -4.09 -14.08
C ALA C 266 -8.85 -4.98 -12.95
N GLY C 267 -9.57 -6.06 -12.70
CA GLY C 267 -9.13 -7.07 -11.75
C GLY C 267 -9.21 -6.67 -10.30
N GLY C 268 -9.83 -5.52 -10.03
CA GLY C 268 -9.92 -5.04 -8.67
C GLY C 268 -8.66 -4.29 -8.22
N GLN C 269 -7.74 -4.05 -9.14
CA GLN C 269 -6.46 -3.44 -8.77
C GLN C 269 -6.51 -1.94 -8.54
N ILE C 270 -5.80 -1.51 -7.51
CA ILE C 270 -5.60 -0.08 -7.22
C ILE C 270 -4.11 0.19 -7.04
N LYS C 271 -3.61 1.28 -7.62
CA LYS C 271 -2.23 1.68 -7.39
C LYS C 271 -2.22 3.05 -6.72
N ILE C 272 -1.33 3.20 -5.74
CA ILE C 272 -1.13 4.50 -5.08
C ILE C 272 0.22 5.04 -5.52
N VAL C 273 0.25 6.28 -6.01
CA VAL C 273 1.46 6.86 -6.60
C VAL C 273 1.73 8.23 -5.95
N GLY C 274 2.98 8.50 -5.59
CA GLY C 274 3.31 9.77 -4.96
C GLY C 274 3.23 10.95 -5.92
N LEU C 275 2.84 12.10 -5.40
CA LEU C 275 2.84 13.37 -6.17
C LEU C 275 3.76 14.41 -5.52
N PRO C 276 4.36 15.28 -6.35
CA PRO C 276 5.15 16.38 -5.77
C PRO C 276 4.23 17.37 -5.06
N ARG C 277 4.74 18.08 -4.06
CA ARG C 277 3.91 18.86 -3.14
C ARG C 277 3.30 20.13 -3.75
N LEU C 278 4.16 20.97 -4.31
CA LEU C 278 3.73 22.25 -4.91
C LEU C 278 2.94 23.10 -3.91
N ALA C 314 8.33 11.57 -6.41
CA ALA C 314 7.06 11.50 -7.13
C ALA C 314 7.13 10.43 -8.21
N GLY C 315 5.99 9.78 -8.47
CA GLY C 315 5.94 8.78 -9.52
C GLY C 315 6.36 7.41 -9.00
N THR C 316 6.56 7.31 -7.71
CA THR C 316 6.86 6.00 -7.12
C THR C 316 5.57 5.34 -6.71
N ILE C 317 5.53 4.00 -6.81
CA ILE C 317 4.38 3.24 -6.36
C ILE C 317 4.50 3.04 -4.86
N LEU C 318 3.59 3.64 -4.10
CA LEU C 318 3.62 3.59 -2.65
C LEU C 318 2.85 2.40 -2.08
N ALA C 319 1.86 1.93 -2.83
CA ALA C 319 1.10 0.75 -2.44
C ALA C 319 0.37 0.18 -3.63
N SER C 320 0.08 -1.11 -3.56
CA SER C 320 -0.69 -1.76 -4.60
C SER C 320 -1.74 -2.61 -3.89
N LEU C 321 -3.00 -2.52 -4.33
CA LEU C 321 -4.13 -3.11 -3.63
C LEU C 321 -4.93 -3.99 -4.57
N GLN C 322 -5.43 -5.13 -4.05
CA GLN C 322 -6.29 -5.96 -4.86
C GLN C 322 -7.15 -6.86 -3.98
N ILE C 323 -8.08 -6.24 -3.28
CA ILE C 323 -8.99 -6.95 -2.39
C ILE C 323 -10.23 -7.39 -3.17
N GLN C 324 -10.64 -6.54 -4.10
CA GLN C 324 -11.84 -6.79 -4.89
C GLN C 324 -11.49 -7.56 -6.16
N SER C 325 -12.51 -8.05 -6.87
CA SER C 325 -12.27 -9.03 -7.93
C SER C 325 -12.51 -8.52 -9.37
N ASP C 326 -13.00 -7.29 -9.51
CA ASP C 326 -13.38 -6.81 -10.84
C ASP C 326 -13.15 -5.28 -10.90
N ASN C 327 -13.44 -4.66 -12.05
CA ASN C 327 -13.12 -3.23 -12.30
C ASN C 327 -13.38 -2.29 -11.14
N ILE C 328 -12.38 -1.47 -10.78
CA ILE C 328 -12.60 -0.43 -9.79
C ILE C 328 -13.17 0.76 -10.55
N GLU C 329 -14.48 0.95 -10.47
CA GLU C 329 -15.16 1.95 -11.28
C GLU C 329 -15.23 3.31 -10.61
N SER C 330 -14.95 3.36 -9.32
CA SER C 330 -15.04 4.59 -8.56
C SER C 330 -14.09 4.60 -7.37
N LEU C 331 -13.33 5.67 -7.23
CA LEU C 331 -12.43 5.89 -6.10
C LEU C 331 -12.71 7.21 -5.42
N ALA C 332 -12.68 7.24 -4.09
CA ALA C 332 -12.86 8.49 -3.38
C ALA C 332 -12.03 8.54 -2.10
N PHE C 333 -11.19 9.56 -1.97
CA PHE C 333 -10.54 9.85 -0.70
C PHE C 333 -11.50 10.64 0.18
N SER C 334 -11.55 10.30 1.45
CA SER C 334 -12.31 11.12 2.41
C SER C 334 -11.63 12.46 2.60
N PRO C 335 -12.43 13.53 2.62
CA PRO C 335 -11.85 14.87 2.79
C PRO C 335 -11.22 15.10 4.15
N SER C 336 -11.65 14.38 5.19
CA SER C 336 -11.13 14.66 6.53
C SER C 336 -10.83 13.44 7.39
N ALA C 337 -11.07 12.24 6.85
CA ALA C 337 -10.70 11.03 7.56
C ALA C 337 -9.64 10.32 6.74
N PRO C 338 -8.73 9.59 7.41
CA PRO C 338 -7.60 8.96 6.72
C PRO C 338 -8.01 7.68 6.00
N ILE C 339 -8.98 7.78 5.10
CA ILE C 339 -9.50 6.60 4.40
C ILE C 339 -9.73 6.83 2.90
N LEU C 340 -9.62 5.74 2.15
CA LEU C 340 -9.92 5.70 0.73
C LEU C 340 -11.00 4.66 0.49
N ALA C 341 -12.04 5.02 -0.25
CA ALA C 341 -13.07 4.05 -0.63
C ALA C 341 -13.00 3.71 -2.12
N ALA C 342 -13.28 2.45 -2.44
CA ALA C 342 -13.23 1.97 -3.81
C ALA C 342 -14.47 1.15 -4.10
N GLY C 343 -15.17 1.48 -5.18
CA GLY C 343 -16.33 0.72 -5.60
C GLY C 343 -15.99 -0.14 -6.79
N SER C 344 -16.46 -1.39 -6.77
CA SER C 344 -16.11 -2.35 -7.81
C SER C 344 -17.31 -2.88 -8.60
N THR C 345 -17.04 -3.27 -9.84
CA THR C 345 -17.97 -3.95 -10.72
C THR C 345 -18.54 -5.23 -10.09
N ASP C 346 -17.81 -5.77 -9.11
CA ASP C 346 -18.26 -6.99 -8.45
C ASP C 346 -19.28 -6.73 -7.33
N GLY C 347 -19.69 -5.47 -7.19
CA GLY C 347 -20.71 -5.11 -6.22
C GLY C 347 -20.21 -4.76 -4.83
N SER C 348 -18.90 -4.83 -4.61
CA SER C 348 -18.36 -4.53 -3.29
C SER C 348 -17.78 -3.13 -3.17
N ILE C 349 -17.71 -2.65 -1.93
CA ILE C 349 -16.94 -1.45 -1.60
C ILE C 349 -15.81 -1.84 -0.69
N ALA C 350 -14.60 -1.34 -0.92
CA ALA C 350 -13.49 -1.63 0.01
C ALA C 350 -12.95 -0.31 0.56
N VAL C 351 -12.61 -0.30 1.84
CA VAL C 351 -12.15 0.90 2.53
C VAL C 351 -10.76 0.63 3.07
N PHE C 352 -9.83 1.51 2.73
CA PHE C 352 -8.43 1.39 3.11
C PHE C 352 -7.97 2.54 4.00
N ASP C 353 -7.07 2.25 4.93
CA ASP C 353 -6.53 3.26 5.85
C ASP C 353 -5.29 3.94 5.26
N THR C 354 -5.42 5.18 4.83
CA THR C 354 -4.36 5.81 4.06
C THR C 354 -3.09 6.12 4.88
N SER C 355 -3.20 6.15 6.19
CA SER C 355 -2.03 6.42 7.02
C SER C 355 -1.40 5.13 7.54
N ARG C 356 -1.89 3.99 7.04
CA ARG C 356 -1.39 2.70 7.50
C ARG C 356 -1.04 1.79 6.32
N SER C 357 -0.33 2.36 5.36
CA SER C 357 0.09 1.68 4.12
C SER C 357 -1.13 1.07 3.41
N PHE C 358 -2.25 1.77 3.48
CA PHE C 358 -3.49 1.35 2.84
C PHE C 358 -3.88 -0.07 3.26
N ALA C 359 -3.68 -0.33 4.53
CA ALA C 359 -4.25 -1.53 5.15
C ALA C 359 -5.76 -1.54 4.94
N LEU C 360 -6.32 -2.74 4.84
CA LEU C 360 -7.75 -2.89 4.61
C LEU C 360 -8.53 -2.61 5.89
N ARG C 361 -9.44 -1.63 5.83
CA ARG C 361 -10.25 -1.29 6.99
C ARG C 361 -11.52 -2.11 6.95
N ARG C 362 -12.14 -2.17 5.78
CA ARG C 362 -13.35 -2.99 5.66
C ARG C 362 -13.63 -3.37 4.23
N HIS C 363 -14.17 -4.58 4.04
CA HIS C 363 -14.58 -5.03 2.72
C HIS C 363 -16.07 -5.32 2.76
N LEU C 364 -16.84 -4.37 2.25
CA LEU C 364 -18.29 -4.42 2.17
C LEU C 364 -18.71 -5.21 0.94
N ARG C 365 -18.78 -6.53 1.08
CA ARG C 365 -19.21 -7.37 -0.02
C ARG C 365 -20.72 -7.25 -0.16
N GLY C 366 -21.21 -7.30 -1.40
CA GLY C 366 -22.63 -7.17 -1.64
C GLY C 366 -23.19 -5.81 -1.25
N ALA C 367 -22.34 -4.78 -1.27
CA ALA C 367 -22.81 -3.43 -1.01
C ALA C 367 -23.92 -3.07 -1.98
N HIS C 368 -23.79 -3.53 -3.22
CA HIS C 368 -24.87 -3.41 -4.18
C HIS C 368 -25.17 -4.76 -4.82
N ALA C 369 -25.36 -5.76 -3.95
CA ALA C 369 -25.50 -7.16 -4.35
C ALA C 369 -24.32 -7.57 -5.24
N GLU C 370 -24.61 -8.17 -6.39
CA GLU C 370 -23.56 -8.52 -7.34
C GLU C 370 -23.62 -7.61 -8.55
N ASP C 371 -24.28 -6.46 -8.38
CA ASP C 371 -24.35 -5.47 -9.44
C ASP C 371 -23.28 -4.42 -9.22
N PRO C 372 -22.70 -3.92 -10.31
CA PRO C 372 -21.59 -2.95 -10.23
C PRO C 372 -21.90 -1.74 -9.36
N VAL C 373 -20.92 -1.36 -8.54
CA VAL C 373 -20.95 -0.10 -7.83
C VAL C 373 -20.44 0.96 -8.81
N VAL C 374 -21.29 1.92 -9.13
CA VAL C 374 -21.01 2.89 -10.18
C VAL C 374 -20.24 4.10 -9.66
N LYS C 375 -20.64 4.58 -8.48
CA LYS C 375 -20.02 5.75 -7.90
C LYS C 375 -20.04 5.71 -6.38
N VAL C 376 -18.95 6.12 -5.77
CA VAL C 376 -18.92 6.35 -4.34
C VAL C 376 -18.43 7.78 -4.09
N GLU C 377 -18.98 8.42 -3.06
CA GLU C 377 -18.61 9.81 -2.76
C GLU C 377 -18.88 10.14 -1.30
N PHE C 378 -17.87 10.69 -0.62
CA PHE C 378 -18.03 11.08 0.77
C PHE C 378 -18.88 12.36 0.90
N VAL C 379 -19.73 12.41 1.90
CA VAL C 379 -20.43 13.65 2.25
C VAL C 379 -19.42 14.64 2.86
N LYS C 380 -19.25 15.79 2.21
CA LYS C 380 -18.23 16.75 2.61
C LYS C 380 -18.46 17.31 4.02
N SER C 381 -19.67 17.80 4.29
CA SER C 381 -19.98 18.32 5.63
C SER C 381 -21.40 17.96 6.02
N PRO C 382 -21.57 16.75 6.55
CA PRO C 382 -22.90 16.30 7.01
C PRO C 382 -23.34 17.13 8.20
N PRO C 383 -24.66 17.33 8.37
CA PRO C 383 -25.17 18.15 9.48
C PRO C 383 -24.62 17.64 10.81
N ASN C 384 -24.61 16.32 10.93
CA ASN C 384 -23.97 15.65 12.05
C ASN C 384 -22.46 15.60 11.89
N ALA C 385 -21.77 16.63 12.39
CA ALA C 385 -20.36 16.83 12.08
C ALA C 385 -19.40 15.88 12.79
N ALA C 386 -19.94 14.96 13.59
CA ALA C 386 -19.10 13.91 14.16
C ALA C 386 -18.84 12.86 13.09
N MET C 387 -19.65 12.90 12.03
CA MET C 387 -19.60 11.94 10.94
C MET C 387 -18.86 12.48 9.71
N ALA C 388 -18.32 13.69 9.84
CA ALA C 388 -17.63 14.34 8.70
C ALA C 388 -16.40 13.55 8.29
N GLY C 389 -16.34 13.17 7.02
CA GLY C 389 -15.25 12.34 6.53
C GLY C 389 -15.52 10.84 6.64
N TRP C 390 -16.55 10.47 7.41
CA TRP C 390 -16.85 9.05 7.65
C TRP C 390 -18.11 8.53 6.96
N LEU C 391 -18.87 9.44 6.35
CA LEU C 391 -20.11 9.07 5.66
C LEU C 391 -19.90 8.92 4.16
N LEU C 392 -20.20 7.73 3.64
CA LEU C 392 -20.00 7.49 2.21
C LEU C 392 -21.32 7.19 1.50
N THR C 393 -21.57 7.86 0.39
CA THR C 393 -22.74 7.56 -0.41
C THR C 393 -22.32 6.76 -1.63
N SER C 394 -23.07 5.71 -1.95
CA SER C 394 -22.79 4.92 -3.14
C SER C 394 -24.05 4.71 -3.97
N CYS C 395 -23.88 4.47 -5.26
CA CYS C 395 -25.00 4.05 -6.09
C CYS C 395 -24.58 2.89 -7.00
N GLY C 396 -25.54 2.10 -7.46
CA GLY C 396 -25.18 0.92 -8.23
C GLY C 396 -26.17 0.46 -9.28
N MET C 397 -25.75 -0.53 -10.05
CA MET C 397 -26.59 -1.07 -11.12
C MET C 397 -27.71 -1.96 -10.58
N ASP C 398 -27.83 -2.06 -9.27
CA ASP C 398 -29.01 -2.69 -8.69
C ASP C 398 -30.17 -1.69 -8.58
N GLY C 399 -29.89 -0.43 -8.87
CA GLY C 399 -30.92 0.60 -8.89
C GLY C 399 -31.15 1.23 -7.53
N VAL C 400 -30.18 1.03 -6.64
CA VAL C 400 -30.31 1.48 -5.25
C VAL C 400 -29.21 2.49 -4.91
N VAL C 401 -29.53 3.47 -4.06
CA VAL C 401 -28.51 4.35 -3.49
C VAL C 401 -28.35 4.02 -2.01
N ARG C 402 -27.11 3.92 -1.51
CA ARG C 402 -26.92 3.59 -0.11
C ARG C 402 -25.98 4.57 0.57
N ARG C 403 -26.12 4.71 1.88
CA ARG C 403 -25.16 5.51 2.62
C ARG C 403 -24.64 4.69 3.80
N TRP C 404 -23.32 4.80 3.97
CA TRP C 404 -22.51 3.97 4.85
C TRP C 404 -21.76 4.79 5.89
N ASP C 405 -21.71 4.24 7.10
CA ASP C 405 -20.86 4.73 8.18
C ASP C 405 -19.55 3.95 8.16
N LEU C 406 -18.43 4.60 7.84
CA LEU C 406 -17.17 3.87 7.66
C LEU C 406 -16.24 3.90 8.86
N ARG C 407 -16.77 4.26 10.03
CA ARG C 407 -15.94 4.32 11.24
C ARG C 407 -15.52 2.92 11.72
N GLY C 408 -16.37 1.93 11.44
CA GLY C 408 -16.10 0.56 11.86
C GLY C 408 -14.93 -0.10 11.15
N GLY C 409 -14.61 -1.32 11.58
CA GLY C 409 -13.51 -2.08 11.01
C GLY C 409 -13.90 -3.52 10.72
N GLY C 437 -22.55 -1.43 8.63
CA GLY C 437 -22.28 0.00 8.53
C GLY C 437 -23.29 0.75 7.67
N LEU C 438 -24.33 0.06 7.24
CA LEU C 438 -25.36 0.65 6.40
C LEU C 438 -26.20 1.67 7.17
N VAL C 439 -26.17 2.93 6.71
CA VAL C 439 -26.89 4.01 7.37
C VAL C 439 -28.27 4.13 6.75
N LYS C 440 -28.34 4.10 5.42
CA LYS C 440 -29.67 4.14 4.79
C LYS C 440 -29.65 3.64 3.34
N GLU C 441 -30.82 3.29 2.82
CA GLU C 441 -30.93 2.99 1.40
C GLU C 441 -32.16 3.63 0.76
N TRP C 442 -32.02 3.95 -0.53
CA TRP C 442 -33.04 4.65 -1.29
C TRP C 442 -33.34 3.91 -2.58
N LYS C 443 -34.59 3.45 -2.70
CA LYS C 443 -35.05 2.69 -3.85
C LYS C 443 -36.00 3.53 -4.69
N GLY C 444 -36.19 3.13 -5.93
CA GLY C 444 -37.10 3.82 -6.82
C GLY C 444 -36.72 3.54 -8.26
N HIS C 445 -35.42 3.49 -8.51
CA HIS C 445 -34.94 3.13 -9.83
C HIS C 445 -35.17 1.65 -10.10
N ARG C 446 -35.34 1.31 -11.37
CA ARG C 446 -35.34 -0.09 -11.77
C ARG C 446 -33.92 -0.64 -11.66
N SER C 447 -33.82 -1.96 -11.48
CA SER C 447 -32.52 -2.60 -11.46
C SER C 447 -31.99 -2.71 -12.87
N GLY C 448 -30.69 -3.00 -13.00
CA GLY C 448 -30.05 -3.08 -14.30
C GLY C 448 -30.69 -4.10 -15.22
N GLN C 449 -31.16 -5.21 -14.65
CA GLN C 449 -31.73 -6.27 -15.47
C GLN C 449 -33.13 -5.90 -15.97
N GLU C 450 -33.71 -4.86 -15.38
CA GLU C 450 -35.02 -4.36 -15.81
C GLU C 450 -34.84 -3.10 -16.65
N GLY C 451 -33.60 -2.80 -17.03
CA GLY C 451 -33.31 -1.66 -17.88
C GLY C 451 -32.91 -0.41 -17.11
N GLY C 452 -32.67 -0.56 -15.81
CA GLY C 452 -32.33 0.55 -14.96
C GLY C 452 -30.91 0.52 -14.43
N GLY C 453 -30.74 0.94 -13.19
CA GLY C 453 -29.44 1.12 -12.58
C GLY C 453 -29.20 2.60 -12.37
N VAL C 454 -28.53 2.96 -11.30
CA VAL C 454 -28.18 4.36 -11.04
C VAL C 454 -26.82 4.69 -11.65
N LEU C 455 -26.81 5.64 -12.57
CA LEU C 455 -25.60 5.90 -13.33
C LEU C 455 -24.83 7.08 -12.74
N GLY C 456 -25.43 7.73 -11.75
CA GLY C 456 -24.80 8.89 -11.15
C GLY C 456 -25.67 9.59 -10.13
N PHE C 457 -25.05 10.45 -9.34
CA PHE C 457 -25.78 11.28 -8.40
C PHE C 457 -24.98 12.49 -7.96
N VAL C 458 -25.70 13.48 -7.44
CA VAL C 458 -25.08 14.55 -6.67
C VAL C 458 -25.75 14.61 -5.32
N GLN C 459 -25.08 15.15 -4.32
CA GLN C 459 -25.64 15.20 -2.97
C GLN C 459 -25.28 16.48 -2.26
N GLY C 460 -24.77 17.45 -3.00
CA GLY C 460 -24.43 18.75 -2.44
C GLY C 460 -23.37 18.68 -1.36
N GLU C 461 -23.21 19.74 -0.60
CA GLU C 461 -22.20 19.79 0.45
C GLU C 461 -22.62 18.98 1.68
N THR C 462 -23.92 18.94 1.95
CA THR C 462 -24.41 18.39 3.21
C THR C 462 -24.93 16.96 3.10
N GLY C 463 -25.18 16.51 1.87
CA GLY C 463 -25.70 15.17 1.65
C GLY C 463 -27.19 15.06 1.95
N GLU C 464 -27.83 16.19 2.26
CA GLU C 464 -29.22 16.17 2.69
C GLU C 464 -30.21 15.87 1.56
N ARG C 465 -29.84 16.24 0.35
CA ARG C 465 -30.63 15.87 -0.82
C ARG C 465 -29.76 15.16 -1.82
N ILE C 466 -30.22 14.00 -2.28
CA ILE C 466 -29.52 13.26 -3.32
C ILE C 466 -30.34 13.30 -4.61
N VAL C 467 -29.70 13.70 -5.70
CA VAL C 467 -30.37 13.65 -6.99
C VAL C 467 -29.67 12.63 -7.88
N THR C 468 -30.45 11.73 -8.45
CA THR C 468 -29.92 10.61 -9.23
C THR C 468 -30.28 10.67 -10.68
N VAL C 469 -29.40 10.08 -11.49
CA VAL C 469 -29.73 9.85 -12.90
C VAL C 469 -29.73 8.35 -13.20
N GLY C 470 -30.77 7.90 -13.89
CA GLY C 470 -30.98 6.48 -14.08
C GLY C 470 -30.90 5.98 -15.50
N ASP C 471 -30.47 4.73 -15.65
CA ASP C 471 -30.40 4.09 -16.95
C ASP C 471 -31.83 3.89 -17.47
N ASP C 472 -32.79 4.00 -16.56
CA ASP C 472 -34.21 3.79 -16.88
C ASP C 472 -34.91 5.11 -17.24
N ALA C 473 -34.10 6.09 -17.65
CA ALA C 473 -34.58 7.37 -18.18
C ALA C 473 -35.33 8.22 -17.17
N VAL C 474 -35.07 7.99 -15.89
CA VAL C 474 -35.73 8.74 -14.83
C VAL C 474 -34.72 9.43 -13.91
N VAL C 475 -35.04 10.65 -13.47
CA VAL C 475 -34.22 11.37 -12.51
C VAL C 475 -34.95 11.42 -11.19
N LEU C 476 -34.29 11.01 -10.09
CA LEU C 476 -35.01 10.92 -8.81
C LEU C 476 -34.41 11.81 -7.73
N VAL C 477 -35.25 12.24 -6.78
CA VAL C 477 -34.79 13.05 -5.66
C VAL C 477 -35.07 12.37 -4.32
N PHE C 478 -34.02 12.14 -3.54
CA PHE C 478 -34.13 11.53 -2.23
C PHE C 478 -33.71 12.48 -1.11
N GLU C 479 -34.27 12.28 0.08
CA GLU C 479 -33.90 13.10 1.22
C GLU C 479 -33.17 12.27 2.28
N ALA C 480 -32.17 12.87 2.93
CA ALA C 480 -31.47 12.23 4.02
C ALA C 480 -32.15 12.52 5.35
N ALA D 2 -28.88 7.76 -30.60
CA ALA D 2 -27.83 8.19 -29.68
C ALA D 2 -27.14 7.00 -29.05
N ARG D 3 -25.84 7.11 -28.83
CA ARG D 3 -25.05 5.97 -28.37
C ARG D 3 -24.93 5.89 -26.85
N ARG D 4 -24.42 4.77 -26.37
CA ARG D 4 -24.18 4.58 -24.96
C ARG D 4 -22.69 4.73 -24.70
N PRO D 5 -22.34 5.42 -23.60
CA PRO D 5 -20.92 5.60 -23.27
C PRO D 5 -20.23 4.28 -22.91
N ALA D 6 -18.90 4.27 -23.00
CA ALA D 6 -18.10 3.07 -22.75
C ALA D 6 -18.36 2.48 -21.36
N ARG D 7 -18.53 3.35 -20.37
CA ARG D 7 -18.68 2.88 -18.99
C ARG D 7 -19.92 1.99 -18.84
N CYS D 8 -20.96 2.28 -19.61
CA CYS D 8 -22.18 1.47 -19.55
C CYS D 8 -21.91 0.07 -20.05
N TYR D 9 -21.13 -0.04 -21.12
CA TYR D 9 -20.76 -1.33 -21.67
C TYR D 9 -19.89 -2.08 -20.67
N ARG D 10 -19.08 -1.36 -19.90
CA ARG D 10 -18.30 -2.01 -18.85
C ARG D 10 -19.19 -2.54 -17.73
N TYR D 11 -20.20 -1.78 -17.35
CA TYR D 11 -21.10 -2.21 -16.29
C TYR D 11 -21.87 -3.46 -16.72
N CYS D 12 -22.29 -3.49 -17.99
CA CYS D 12 -23.27 -4.48 -18.44
C CYS D 12 -22.82 -5.95 -18.48
N LYS D 13 -21.50 -6.20 -18.43
CA LYS D 13 -20.87 -7.50 -18.07
C LYS D 13 -19.44 -7.55 -18.59
#